data_5GP1
#
_entry.id   5GP1
#
_cell.length_a   123.770
_cell.length_b   123.770
_cell.length_c   119.360
_cell.angle_alpha   90.00
_cell.angle_beta   90.00
_cell.angle_gamma   120.00
#
_symmetry.space_group_name_H-M   'P 61'
#
loop_
_entity.id
_entity.type
_entity.pdbx_description
1 polymer 'RNA-directed RNA polymerase NS5'
2 non-polymer 'SULFATE ION'
3 non-polymer "P1-7-METHYLGUANOSINE-P3-ADENOSINE-5',5'-TRIPHOSPHATE"
4 non-polymer S-ADENOSYL-L-HOMOCYSTEINE
5 non-polymer 'NICKEL (II) ION'
6 water water
#
_entity_poly.entity_id   1
_entity_poly.type   'polypeptide(L)'
_entity_poly.pdbx_seq_one_letter_code
;GSVDTGETLGEKWKARLNQMSALEFYSYKKSGITEVCREEARRALKDGVATGGHAVSRGSAKLRWLVERGYLQPYGKVID
LGCGRGGWSYYAATIRKVQEVKGYTKGGPGHEEPMLVQSYGWNIVRLKSGVDVFHMAAEPCDTLLCDIGESSSSPEVEEA
RTLRVLSMVGDWLEKRPGAFCIKVLCPYTSTMMETLERLQRRYGGGLVRVPLSRNSTHEMYWVSGAKSNTIKSVSTTSQL
LLGRMDGPRRPVKYEEDVNLGSGTRAAAS
;
_entity_poly.pdbx_strand_id   A,B,C
#
# COMPACT_ATOMS: atom_id res chain seq x y z
N THR A 5 33.21 -6.52 0.82
CA THR A 5 34.48 -7.17 0.50
C THR A 5 34.62 -7.38 -1.00
N GLY A 6 35.56 -6.67 -1.62
CA GLY A 6 35.85 -6.81 -3.02
C GLY A 6 34.80 -6.27 -3.97
N GLU A 7 33.73 -5.69 -3.46
CA GLU A 7 32.64 -5.18 -4.26
C GLU A 7 32.60 -3.66 -4.23
N THR A 8 32.11 -3.07 -5.32
CA THR A 8 31.93 -1.64 -5.39
C THR A 8 30.65 -1.24 -4.67
N LEU A 9 30.50 0.07 -4.42
CA LEU A 9 29.27 0.57 -3.84
C LEU A 9 28.07 0.26 -4.74
N GLY A 10 28.25 0.41 -6.06
CA GLY A 10 27.18 0.08 -6.98
C GLY A 10 26.88 -1.40 -7.03
N GLU A 11 27.93 -2.23 -6.90
CA GLU A 11 27.72 -3.67 -6.86
C GLU A 11 26.98 -4.08 -5.58
N LYS A 12 27.39 -3.54 -4.44
CA LYS A 12 26.68 -3.79 -3.20
C LYS A 12 25.26 -3.25 -3.23
N TRP A 13 24.98 -2.27 -4.10
CA TRP A 13 23.63 -1.74 -4.23
C TRP A 13 22.73 -2.69 -5.01
N LYS A 14 23.15 -3.08 -6.21
CA LYS A 14 22.31 -3.91 -7.07
C LYS A 14 22.05 -5.29 -6.48
N ALA A 15 22.93 -5.78 -5.62
CA ALA A 15 22.69 -7.08 -4.99
C ALA A 15 21.45 -7.04 -4.11
N ARG A 16 21.36 -6.04 -3.23
CA ARG A 16 20.20 -5.90 -2.37
C ARG A 16 18.94 -5.59 -3.17
N LEU A 17 19.09 -4.94 -4.33
CA LEU A 17 17.95 -4.66 -5.17
C LEU A 17 17.36 -5.94 -5.76
N ASN A 18 18.22 -6.87 -6.18
CA ASN A 18 17.75 -8.14 -6.71
C ASN A 18 17.11 -9.02 -5.64
N GLN A 19 17.39 -8.75 -4.36
CA GLN A 19 16.84 -9.53 -3.26
C GLN A 19 15.62 -8.87 -2.63
N MET A 20 15.07 -7.83 -3.26
CA MET A 20 13.90 -7.15 -2.74
C MET A 20 12.64 -7.94 -3.07
N SER A 21 11.70 -7.95 -2.13
CA SER A 21 10.39 -8.52 -2.42
C SER A 21 9.70 -7.74 -3.53
N ALA A 22 8.67 -8.35 -4.12
CA ALA A 22 7.95 -7.71 -5.22
C ALA A 22 7.43 -6.34 -4.82
N LEU A 23 6.82 -6.24 -3.63
CA LEU A 23 6.34 -4.95 -3.16
C LEU A 23 7.48 -4.05 -2.70
N GLU A 24 8.53 -4.63 -2.13
CA GLU A 24 9.69 -3.83 -1.75
C GLU A 24 10.34 -3.18 -2.96
N PHE A 25 10.27 -3.82 -4.12
CA PHE A 25 10.81 -3.24 -5.33
C PHE A 25 9.84 -2.27 -6.00
N TYR A 26 8.54 -2.54 -5.89
CA TYR A 26 7.55 -1.66 -6.51
C TYR A 26 7.53 -0.29 -5.84
N SER A 27 7.38 -0.27 -4.52
CA SER A 27 7.31 0.99 -3.80
C SER A 27 8.63 1.75 -3.81
N TYR A 28 9.73 1.10 -4.18
CA TYR A 28 11.04 1.71 -4.15
C TYR A 28 11.42 2.34 -5.48
N LYS A 29 10.86 1.86 -6.59
CA LYS A 29 11.22 2.32 -7.92
C LYS A 29 11.15 3.84 -8.03
N LYS A 30 10.01 4.44 -7.66
CA LYS A 30 9.79 5.88 -7.85
C LYS A 30 9.97 6.69 -6.57
N SER A 31 10.57 6.12 -5.53
CA SER A 31 10.62 6.77 -4.22
C SER A 31 11.57 7.96 -4.26
N GLY A 32 11.03 9.17 -4.20
CA GLY A 32 11.83 10.37 -4.11
C GLY A 32 12.40 10.89 -5.41
N ILE A 33 12.13 10.23 -6.53
CA ILE A 33 12.61 10.67 -7.83
C ILE A 33 11.69 11.76 -8.36
N THR A 34 12.11 12.42 -9.43
CA THR A 34 11.26 13.36 -10.15
C THR A 34 10.71 12.71 -11.41
N GLU A 35 9.45 13.00 -11.73
CA GLU A 35 8.76 12.34 -12.82
C GLU A 35 7.85 13.34 -13.52
N VAL A 36 7.82 13.29 -14.85
CA VAL A 36 6.98 14.17 -15.64
C VAL A 36 5.65 13.49 -15.89
N CYS A 37 4.57 14.27 -15.79
CA CYS A 37 3.22 13.75 -15.99
C CYS A 37 2.95 13.58 -17.48
N ARG A 38 2.68 12.33 -17.89
CA ARG A 38 2.49 12.01 -19.30
C ARG A 38 1.10 11.51 -19.61
N GLU A 39 0.14 11.68 -18.69
CA GLU A 39 -1.19 11.11 -18.88
C GLU A 39 -1.90 11.74 -20.07
N GLU A 40 -2.05 13.06 -20.06
CA GLU A 40 -2.74 13.74 -21.14
C GLU A 40 -1.98 13.68 -22.46
N ALA A 41 -0.70 13.30 -22.43
CA ALA A 41 0.07 13.14 -23.65
C ALA A 41 -0.05 11.74 -24.24
N ARG A 42 -0.40 10.75 -23.41
CA ARG A 42 -0.66 9.41 -23.94
C ARG A 42 -2.02 9.31 -24.61
N ARG A 43 -2.96 10.18 -24.25
CA ARG A 43 -4.20 10.33 -25.01
C ARG A 43 -3.98 11.12 -26.29
N ALA A 44 -2.76 11.60 -26.54
CA ALA A 44 -2.40 12.26 -27.79
C ALA A 44 -1.63 11.34 -28.74
N LEU A 45 -0.79 10.46 -28.21
CA LEU A 45 -0.09 9.51 -29.06
C LEU A 45 -1.04 8.47 -29.66
N LYS A 46 -2.24 8.33 -29.11
CA LYS A 46 -3.24 7.41 -29.64
C LYS A 46 -4.36 8.09 -30.41
N ASP A 47 -4.73 9.31 -30.02
CA ASP A 47 -5.73 10.07 -30.77
C ASP A 47 -5.20 10.60 -32.10
N GLY A 48 -3.96 10.25 -32.47
CA GLY A 48 -3.39 10.76 -33.69
C GLY A 48 -3.02 12.24 -33.66
N VAL A 49 -3.16 12.90 -32.52
CA VAL A 49 -2.90 14.33 -32.42
C VAL A 49 -1.39 14.54 -32.45
N ALA A 50 -0.89 15.06 -33.58
CA ALA A 50 0.50 15.44 -33.71
C ALA A 50 0.73 16.93 -33.50
N THR A 51 -0.34 17.71 -33.35
CA THR A 51 -0.23 19.16 -33.25
C THR A 51 -0.02 19.65 -31.82
N GLY A 52 -0.55 18.94 -30.82
CA GLY A 52 -0.53 19.40 -29.45
C GLY A 52 0.85 19.66 -28.89
N GLY A 53 1.89 19.16 -29.54
CA GLY A 53 3.24 19.35 -29.05
C GLY A 53 3.63 18.44 -27.91
N HIS A 54 2.91 17.35 -27.70
CA HIS A 54 3.24 16.42 -26.63
C HIS A 54 4.51 15.64 -26.97
N ALA A 55 5.07 15.01 -25.93
CA ALA A 55 6.24 14.15 -26.11
C ALA A 55 5.80 12.75 -26.45
N VAL A 56 6.60 12.08 -27.29
CA VAL A 56 6.27 10.70 -27.66
C VAL A 56 6.73 9.74 -26.57
N SER A 57 7.87 10.02 -25.94
CA SER A 57 8.39 9.23 -24.84
C SER A 57 8.83 10.16 -23.72
N ARG A 58 9.17 9.57 -22.58
CA ARG A 58 9.69 10.35 -21.46
C ARG A 58 11.09 10.86 -21.72
N GLY A 59 11.79 10.34 -22.73
CA GLY A 59 13.13 10.80 -23.02
C GLY A 59 13.21 12.27 -23.36
N SER A 60 12.12 12.83 -23.91
CA SER A 60 12.10 14.25 -24.23
C SER A 60 12.29 15.10 -22.97
N ALA A 61 11.66 14.70 -21.86
CA ALA A 61 11.82 15.44 -20.62
C ALA A 61 13.20 15.26 -20.03
N LYS A 62 13.77 14.05 -20.16
CA LYS A 62 15.10 13.80 -19.63
C LYS A 62 16.14 14.66 -20.33
N LEU A 63 16.11 14.69 -21.67
CA LEU A 63 17.03 15.54 -22.41
C LEU A 63 16.77 17.01 -22.12
N ARG A 64 15.49 17.39 -21.97
CA ARG A 64 15.17 18.75 -21.57
C ARG A 64 15.78 19.09 -20.22
N TRP A 65 15.95 18.10 -19.35
CA TRP A 65 16.64 18.36 -18.09
C TRP A 65 18.12 18.64 -18.32
N LEU A 66 18.74 17.95 -19.27
CA LEU A 66 20.19 18.09 -19.43
C LEU A 66 20.57 19.31 -20.24
N VAL A 67 19.85 19.59 -21.33
CA VAL A 67 20.21 20.70 -22.21
C VAL A 67 19.98 22.04 -21.52
N GLU A 68 19.01 22.11 -20.60
CA GLU A 68 18.69 23.35 -19.93
C GLU A 68 19.63 23.68 -18.78
N ARG A 69 20.78 23.01 -18.68
CA ARG A 69 21.82 23.43 -17.74
C ARG A 69 23.20 23.35 -18.35
N GLY A 70 23.31 23.51 -19.67
CA GLY A 70 24.60 23.51 -20.30
C GLY A 70 25.33 22.19 -20.27
N TYR A 71 24.69 21.11 -19.78
CA TYR A 71 25.31 19.79 -19.83
C TYR A 71 25.59 19.37 -21.25
N LEU A 72 24.80 19.86 -22.20
CA LEU A 72 25.13 19.76 -23.62
C LEU A 72 24.33 20.83 -24.35
N GLN A 73 25.01 21.64 -25.16
CA GLN A 73 24.36 22.67 -25.96
C GLN A 73 24.46 22.27 -27.43
N PRO A 74 23.50 21.51 -27.95
CA PRO A 74 23.63 21.00 -29.31
C PRO A 74 23.69 22.11 -30.35
N TYR A 75 24.20 21.75 -31.52
CA TYR A 75 24.34 22.67 -32.64
C TYR A 75 24.77 21.87 -33.86
N GLY A 76 24.67 22.50 -35.03
CA GLY A 76 25.16 21.87 -36.25
C GLY A 76 24.44 20.58 -36.52
N LYS A 77 25.20 19.55 -36.84
CA LYS A 77 24.66 18.22 -37.14
C LYS A 77 24.60 17.38 -35.86
N VAL A 78 23.42 16.88 -35.53
CA VAL A 78 23.24 16.07 -34.33
C VAL A 78 22.81 14.68 -34.76
N ILE A 79 23.13 13.70 -33.91
CA ILE A 79 22.89 12.28 -34.20
C ILE A 79 22.48 11.60 -32.90
N ASP A 80 21.33 10.92 -32.91
CA ASP A 80 20.82 10.20 -31.75
C ASP A 80 20.76 8.72 -32.08
N LEU A 81 21.70 7.95 -31.52
CA LEU A 81 21.71 6.51 -31.71
C LEU A 81 20.69 5.85 -30.79
N GLY A 82 19.87 4.96 -31.35
CA GLY A 82 18.78 4.38 -30.61
C GLY A 82 17.73 5.41 -30.28
N CYS A 83 17.10 5.96 -31.31
CA CYS A 83 16.14 7.04 -31.10
C CYS A 83 14.77 6.53 -30.66
N GLY A 84 14.48 5.26 -30.85
CA GLY A 84 13.15 4.74 -30.59
C GLY A 84 12.12 5.54 -31.34
N ARG A 85 11.19 6.15 -30.62
CA ARG A 85 10.21 7.05 -31.22
C ARG A 85 10.75 8.47 -31.35
N GLY A 86 11.98 8.73 -30.92
CA GLY A 86 12.58 10.02 -31.09
C GLY A 86 12.33 11.01 -29.98
N GLY A 87 12.16 10.55 -28.74
CA GLY A 87 11.99 11.46 -27.64
C GLY A 87 13.11 12.47 -27.53
N TRP A 88 14.34 12.03 -27.80
CA TRP A 88 15.48 12.95 -27.80
C TRP A 88 15.55 13.76 -29.09
N SER A 89 15.04 13.21 -30.20
CA SER A 89 15.14 13.90 -31.47
C SER A 89 14.16 15.06 -31.57
N TYR A 90 12.94 14.87 -31.07
CA TYR A 90 11.94 15.94 -31.19
C TYR A 90 12.25 17.09 -30.26
N TYR A 91 12.94 16.84 -29.15
CA TYR A 91 13.34 17.96 -28.31
C TYR A 91 14.54 18.69 -28.90
N ALA A 92 15.49 17.94 -29.46
CA ALA A 92 16.65 18.57 -30.08
C ALA A 92 16.26 19.49 -31.23
N ALA A 93 15.19 19.14 -31.96
CA ALA A 93 14.75 19.99 -33.06
C ALA A 93 14.21 21.33 -32.56
N THR A 94 13.68 21.37 -31.34
CA THR A 94 13.20 22.62 -30.78
C THR A 94 14.36 23.56 -30.41
N ILE A 95 15.58 23.04 -30.30
CA ILE A 95 16.73 23.88 -30.03
C ILE A 95 17.03 24.75 -31.24
N ARG A 96 17.40 26.01 -30.99
CA ARG A 96 17.54 26.99 -32.05
C ARG A 96 18.89 26.95 -32.75
N LYS A 97 19.92 26.36 -32.12
CA LYS A 97 21.25 26.33 -32.71
C LYS A 97 21.49 25.13 -33.60
N VAL A 98 20.57 24.17 -33.66
CA VAL A 98 20.74 22.95 -34.43
C VAL A 98 20.06 23.10 -35.78
N GLN A 99 20.58 22.39 -36.77
CA GLN A 99 20.05 22.45 -38.13
C GLN A 99 19.52 21.10 -38.61
N GLU A 100 20.32 20.05 -38.53
CA GLU A 100 19.98 18.74 -39.04
C GLU A 100 20.04 17.71 -37.92
N VAL A 101 18.94 16.98 -37.73
CA VAL A 101 18.88 15.93 -36.72
C VAL A 101 18.47 14.63 -37.39
N LYS A 102 19.17 13.55 -37.08
CA LYS A 102 18.92 12.24 -37.67
C LYS A 102 18.89 11.20 -36.57
N GLY A 103 17.76 10.49 -36.46
CA GLY A 103 17.61 9.42 -35.49
C GLY A 103 17.70 8.06 -36.16
N TYR A 104 18.14 7.07 -35.38
CA TYR A 104 18.36 5.74 -35.92
C TYR A 104 18.03 4.69 -34.87
N THR A 105 17.14 3.77 -35.21
CA THR A 105 16.80 2.65 -34.35
C THR A 105 16.38 1.48 -35.23
N LYS A 106 16.40 0.28 -34.65
CA LYS A 106 15.96 -0.88 -35.41
C LYS A 106 14.44 -1.02 -35.38
N GLY A 107 13.85 -0.95 -34.19
CA GLY A 107 12.40 -0.99 -34.08
C GLY A 107 11.77 -2.26 -34.59
N GLY A 108 12.52 -3.35 -34.65
CA GLY A 108 12.01 -4.64 -35.03
C GLY A 108 11.20 -5.23 -33.89
N PRO A 109 10.74 -6.48 -34.06
CA PRO A 109 10.03 -7.15 -32.97
C PRO A 109 10.80 -7.17 -31.65
N GLY A 110 12.02 -6.64 -31.66
CA GLY A 110 12.84 -6.53 -30.47
C GLY A 110 12.66 -5.26 -29.66
N HIS A 111 12.20 -4.17 -30.25
CA HIS A 111 12.08 -2.94 -29.47
C HIS A 111 11.08 -1.99 -30.14
N GLU A 112 11.14 -0.71 -29.72
CA GLU A 112 10.08 0.26 -29.99
C GLU A 112 10.09 0.73 -31.43
N GLU A 113 8.90 0.97 -31.98
CA GLU A 113 8.62 1.42 -33.34
C GLU A 113 8.53 2.94 -33.38
N PRO A 114 9.28 3.61 -34.26
CA PRO A 114 9.35 5.08 -34.22
C PRO A 114 8.01 5.72 -34.55
N MET A 115 7.73 6.84 -33.89
CA MET A 115 6.54 7.64 -34.12
C MET A 115 6.93 8.98 -34.72
N LEU A 116 6.11 9.46 -35.65
CA LEU A 116 6.34 10.74 -36.31
C LEU A 116 5.19 11.68 -35.98
N VAL A 117 5.51 12.77 -35.29
CA VAL A 117 4.51 13.77 -34.88
C VAL A 117 4.91 15.11 -35.46
N GLN A 118 4.14 16.15 -35.13
CA GLN A 118 4.31 17.48 -35.72
C GLN A 118 4.76 18.51 -34.68
N SER A 119 5.72 18.14 -33.85
CA SER A 119 6.26 19.10 -32.89
C SER A 119 7.00 20.21 -33.61
N TYR A 120 7.19 21.33 -32.92
CA TYR A 120 7.80 22.51 -33.52
C TYR A 120 9.17 22.19 -34.09
N GLY A 121 9.32 22.38 -35.39
CA GLY A 121 10.56 22.04 -36.07
C GLY A 121 10.67 20.60 -36.48
N TRP A 122 9.54 19.93 -36.73
CA TRP A 122 9.58 18.53 -37.13
C TRP A 122 10.12 18.32 -38.54
N ASN A 123 10.30 19.39 -39.31
CA ASN A 123 10.80 19.25 -40.67
C ASN A 123 12.27 18.87 -40.72
N ILE A 124 13.02 19.08 -39.64
CA ILE A 124 14.46 18.83 -39.65
C ILE A 124 14.77 17.47 -39.03
N VAL A 125 13.73 16.72 -38.67
CA VAL A 125 13.89 15.45 -37.96
C VAL A 125 13.80 14.30 -38.95
N ARG A 126 14.77 13.39 -38.89
CA ARG A 126 14.90 12.26 -39.82
C ARG A 126 15.04 11.00 -38.98
N LEU A 127 13.90 10.40 -38.63
CA LEU A 127 13.87 9.16 -37.86
C LEU A 127 13.46 8.01 -38.77
N LYS A 128 14.34 7.04 -38.93
CA LYS A 128 14.03 5.85 -39.70
C LYS A 128 14.35 4.62 -38.88
N SER A 129 13.49 3.61 -39.01
CA SER A 129 13.70 2.33 -38.34
C SER A 129 14.51 1.40 -39.24
N GLY A 130 14.89 0.27 -38.68
CA GLY A 130 15.61 -0.74 -39.45
C GLY A 130 17.10 -0.49 -39.57
N VAL A 131 17.74 -0.02 -38.50
CA VAL A 131 19.17 0.23 -38.49
C VAL A 131 19.79 -0.41 -37.27
N ASP A 132 20.93 -1.06 -37.45
CA ASP A 132 21.73 -1.61 -36.36
C ASP A 132 22.96 -0.73 -36.20
N VAL A 133 22.99 0.07 -35.13
CA VAL A 133 24.08 1.02 -34.93
C VAL A 133 25.40 0.33 -34.65
N PHE A 134 25.39 -0.93 -34.21
CA PHE A 134 26.63 -1.66 -34.02
C PHE A 134 27.29 -2.04 -35.33
N HIS A 135 26.58 -1.91 -36.46
CA HIS A 135 27.15 -2.15 -37.78
C HIS A 135 27.06 -0.89 -38.65
N MET A 136 26.91 0.27 -38.04
CA MET A 136 26.80 1.54 -38.74
C MET A 136 28.14 2.27 -38.71
N ALA A 137 28.41 2.99 -39.80
CA ALA A 137 29.64 3.77 -39.91
C ALA A 137 29.40 5.18 -39.38
N ALA A 138 30.40 5.71 -38.67
CA ALA A 138 30.27 7.04 -38.07
C ALA A 138 30.35 8.12 -39.13
N GLU A 139 29.48 9.12 -38.99
CA GLU A 139 29.45 10.28 -39.86
C GLU A 139 29.85 11.54 -39.08
N PRO A 140 30.38 12.56 -39.75
CA PRO A 140 30.73 13.80 -39.04
C PRO A 140 29.51 14.42 -38.39
N CYS A 141 29.68 14.85 -37.15
CA CYS A 141 28.59 15.46 -36.40
C CYS A 141 29.15 16.50 -35.45
N ASP A 142 28.27 17.42 -35.02
CA ASP A 142 28.61 18.36 -33.97
C ASP A 142 27.97 18.02 -32.63
N THR A 143 26.98 17.11 -32.61
CA THR A 143 26.29 16.73 -31.39
C THR A 143 25.92 15.26 -31.47
N LEU A 144 26.59 14.44 -30.65
CA LEU A 144 26.30 13.01 -30.61
C LEU A 144 25.38 12.68 -29.45
N LEU A 145 24.39 11.84 -29.71
CA LEU A 145 23.48 11.34 -28.69
C LEU A 145 23.42 9.83 -28.73
N CYS A 146 23.23 9.22 -27.56
CA CYS A 146 23.15 7.76 -27.45
C CYS A 146 22.40 7.41 -26.19
N ASP A 147 21.36 6.58 -26.32
CA ASP A 147 20.49 6.23 -25.20
C ASP A 147 20.11 4.74 -25.28
N ILE A 148 21.11 3.88 -25.49
CA ILE A 148 20.86 2.53 -26.01
C ILE A 148 20.79 1.49 -24.89
N GLY A 149 21.62 1.60 -23.86
CA GLY A 149 21.78 0.57 -22.84
C GLY A 149 20.53 -0.15 -22.35
N GLU A 150 20.59 -1.49 -22.27
CA GLU A 150 19.46 -2.32 -21.89
C GLU A 150 19.74 -2.98 -20.54
N SER A 151 18.76 -2.89 -19.64
CA SER A 151 18.93 -3.38 -18.27
C SER A 151 19.12 -4.90 -18.24
N SER A 152 19.74 -5.35 -17.14
CA SER A 152 19.90 -6.76 -16.87
C SER A 152 20.13 -6.92 -15.37
N SER A 153 19.67 -8.05 -14.82
CA SER A 153 19.80 -8.28 -13.39
C SER A 153 21.23 -8.58 -12.95
N SER A 154 22.13 -8.87 -13.90
CA SER A 154 23.50 -9.22 -13.55
C SER A 154 24.41 -8.03 -13.77
N PRO A 155 25.09 -7.53 -12.73
CA PRO A 155 26.02 -6.40 -12.93
C PRO A 155 27.10 -6.67 -13.95
N GLU A 156 27.43 -7.93 -14.20
CA GLU A 156 28.44 -8.25 -15.22
C GLU A 156 27.86 -8.10 -16.62
N VAL A 157 26.59 -8.46 -16.81
CA VAL A 157 25.96 -8.32 -18.12
C VAL A 157 25.77 -6.85 -18.46
N GLU A 158 25.31 -6.04 -17.49
CA GLU A 158 25.23 -4.61 -17.71
C GLU A 158 26.60 -4.02 -18.01
N GLU A 159 27.67 -4.59 -17.43
CA GLU A 159 29.02 -4.13 -17.74
C GLU A 159 29.41 -4.55 -19.15
N ALA A 160 29.20 -5.82 -19.49
CA ALA A 160 29.57 -6.31 -20.81
C ALA A 160 28.83 -5.58 -21.92
N ARG A 161 27.62 -5.09 -21.62
CA ARG A 161 26.84 -4.37 -22.63
C ARG A 161 27.27 -2.91 -22.73
N THR A 162 27.54 -2.28 -21.58
CA THR A 162 27.85 -0.85 -21.58
C THR A 162 29.19 -0.57 -22.23
N LEU A 163 30.18 -1.44 -22.02
CA LEU A 163 31.46 -1.27 -22.70
C LEU A 163 31.33 -1.45 -24.21
N ARG A 164 30.33 -2.20 -24.67
CA ARG A 164 30.16 -2.40 -26.10
C ARG A 164 29.70 -1.12 -26.79
N VAL A 165 28.76 -0.40 -26.19
CA VAL A 165 28.31 0.86 -26.77
C VAL A 165 29.35 1.95 -26.59
N LEU A 166 30.12 1.90 -25.49
CA LEU A 166 31.17 2.89 -25.29
C LEU A 166 32.33 2.68 -26.25
N SER A 167 32.54 1.44 -26.71
CA SER A 167 33.53 1.18 -27.75
C SER A 167 33.02 1.58 -29.12
N MET A 168 31.72 1.39 -29.36
CA MET A 168 31.11 1.84 -30.60
C MET A 168 31.05 3.36 -30.66
N VAL A 169 30.75 4.00 -29.54
CA VAL A 169 30.64 5.46 -29.52
C VAL A 169 31.99 6.11 -29.77
N GLY A 170 33.08 5.40 -29.47
CA GLY A 170 34.41 5.93 -29.73
C GLY A 170 34.67 6.21 -31.20
N ASP A 171 33.94 5.54 -32.09
CA ASP A 171 34.05 5.85 -33.52
C ASP A 171 33.32 7.14 -33.87
N TRP A 172 32.27 7.48 -33.13
CA TRP A 172 31.59 8.76 -33.34
C TRP A 172 32.29 9.89 -32.60
N LEU A 173 32.85 9.61 -31.42
CA LEU A 173 33.74 10.58 -30.79
C LEU A 173 35.01 10.78 -31.60
N GLU A 174 35.37 9.82 -32.44
CA GLU A 174 36.41 10.04 -33.44
C GLU A 174 35.98 11.07 -34.49
N LYS A 175 34.68 11.35 -34.59
CA LYS A 175 34.17 12.42 -35.42
C LYS A 175 33.98 13.72 -34.65
N ARG A 176 34.42 13.76 -33.39
CA ARG A 176 34.59 14.98 -32.61
C ARG A 176 33.32 15.80 -32.48
N PRO A 177 32.36 15.37 -31.66
CA PRO A 177 31.19 16.21 -31.41
C PRO A 177 31.57 17.48 -30.66
N GLY A 178 30.69 18.47 -30.76
CA GLY A 178 30.88 19.71 -30.00
C GLY A 178 30.23 19.60 -28.64
N ALA A 179 29.14 18.85 -28.57
CA ALA A 179 28.45 18.56 -27.32
C ALA A 179 27.81 17.19 -27.45
N PHE A 180 28.08 16.30 -26.49
CA PHE A 180 27.56 14.95 -26.56
C PHE A 180 26.81 14.60 -25.27
N CYS A 181 25.95 13.60 -25.38
CA CYS A 181 25.18 13.07 -24.25
C CYS A 181 25.12 11.56 -24.42
N ILE A 182 26.02 10.85 -23.75
CA ILE A 182 26.15 9.40 -23.86
C ILE A 182 25.69 8.78 -22.56
N LYS A 183 24.80 7.79 -22.66
CA LYS A 183 24.26 7.10 -21.50
C LYS A 183 25.17 5.93 -21.14
N VAL A 184 25.59 5.89 -19.87
CA VAL A 184 26.42 4.81 -19.34
C VAL A 184 25.55 4.00 -18.40
N LEU A 185 25.02 2.88 -18.90
CA LEU A 185 24.03 2.10 -18.16
C LEU A 185 24.58 1.63 -16.82
N CYS A 186 25.79 1.07 -16.82
CA CYS A 186 26.49 0.68 -15.60
C CYS A 186 27.81 1.41 -15.52
N PRO A 187 27.93 2.45 -14.69
CA PRO A 187 29.23 3.12 -14.48
C PRO A 187 29.97 2.72 -13.21
N TYR A 188 29.52 1.70 -12.47
CA TYR A 188 29.90 1.56 -11.07
C TYR A 188 30.84 0.38 -10.78
N THR A 189 31.33 -0.33 -11.80
CA THR A 189 32.29 -1.39 -11.50
C THR A 189 33.71 -0.85 -11.60
N SER A 190 34.66 -1.62 -11.04
CA SER A 190 36.06 -1.21 -11.10
C SER A 190 36.59 -1.19 -12.52
N THR A 191 36.05 -2.04 -13.40
CA THR A 191 36.39 -1.95 -14.81
C THR A 191 35.71 -0.74 -15.46
N MET A 192 34.55 -0.35 -14.95
CA MET A 192 33.81 0.77 -15.53
C MET A 192 34.48 2.10 -15.24
N MET A 193 34.62 2.43 -13.96
CA MET A 193 35.27 3.67 -13.58
C MET A 193 36.67 3.79 -14.18
N GLU A 194 37.28 2.65 -14.53
CA GLU A 194 38.54 2.67 -15.27
C GLU A 194 38.35 3.23 -16.67
N THR A 195 37.43 2.63 -17.44
CA THR A 195 37.26 3.01 -18.84
C THR A 195 36.71 4.43 -18.98
N LEU A 196 35.74 4.79 -18.13
CA LEU A 196 35.12 6.11 -18.24
C LEU A 196 36.12 7.24 -18.00
N GLU A 197 37.14 6.99 -17.18
CA GLU A 197 38.22 7.95 -17.05
C GLU A 197 39.14 7.92 -18.27
N ARG A 198 39.38 6.74 -18.82
CA ARG A 198 40.22 6.63 -20.01
C ARG A 198 39.61 7.40 -21.18
N LEU A 199 38.29 7.29 -21.37
CA LEU A 199 37.64 8.01 -22.45
C LEU A 199 37.59 9.51 -22.18
N GLN A 200 37.29 9.90 -20.94
CA GLN A 200 37.24 11.32 -20.60
C GLN A 200 38.61 11.98 -20.75
N ARG A 201 39.69 11.22 -20.54
CA ARG A 201 41.02 11.80 -20.69
C ARG A 201 41.28 12.21 -22.13
N ARG A 202 40.77 11.45 -23.09
CA ARG A 202 41.01 11.75 -24.49
C ARG A 202 39.90 12.59 -25.11
N TYR A 203 38.64 12.38 -24.73
CA TYR A 203 37.52 13.06 -25.34
C TYR A 203 36.80 14.04 -24.41
N GLY A 204 37.23 14.15 -23.16
CA GLY A 204 36.65 15.13 -22.26
C GLY A 204 35.33 14.70 -21.65
N GLY A 205 34.63 15.67 -21.08
CA GLY A 205 33.33 15.44 -20.53
C GLY A 205 33.35 14.94 -19.10
N GLY A 206 32.15 14.62 -18.62
CA GLY A 206 31.96 14.06 -17.30
C GLY A 206 30.57 13.48 -17.20
N LEU A 207 30.32 12.80 -16.08
CA LEU A 207 29.06 12.10 -15.88
C LEU A 207 28.16 12.87 -14.91
N VAL A 208 26.87 12.59 -15.00
CA VAL A 208 25.86 13.28 -14.18
C VAL A 208 24.63 12.40 -14.11
N ARG A 209 23.97 12.40 -12.95
CA ARG A 209 22.75 11.64 -12.75
C ARG A 209 21.54 12.56 -12.90
N VAL A 210 20.57 12.12 -13.69
CA VAL A 210 19.36 12.91 -13.95
C VAL A 210 18.27 12.52 -12.97
N PRO A 211 17.61 13.48 -12.32
CA PRO A 211 16.53 13.14 -11.39
C PRO A 211 15.33 12.48 -12.05
N LEU A 212 15.23 12.55 -13.38
CA LEU A 212 14.19 11.82 -14.09
C LEU A 212 14.38 10.31 -14.01
N SER A 213 15.53 9.84 -13.53
CA SER A 213 15.86 8.42 -13.54
C SER A 213 15.22 7.69 -12.37
N ARG A 214 14.95 6.41 -12.58
CA ARG A 214 14.38 5.54 -11.57
C ARG A 214 15.41 5.21 -10.50
N ASN A 215 14.93 4.63 -9.40
CA ASN A 215 15.81 4.13 -8.36
C ASN A 215 16.34 2.73 -8.66
N SER A 216 15.77 2.04 -9.65
CA SER A 216 16.16 0.67 -9.95
C SER A 216 17.38 0.59 -10.86
N THR A 217 17.73 1.67 -11.56
CA THR A 217 18.84 1.67 -12.48
C THR A 217 19.92 2.64 -12.01
N HIS A 218 21.17 2.24 -12.19
CA HIS A 218 22.33 3.07 -11.89
C HIS A 218 22.82 3.83 -13.11
N GLU A 219 21.95 4.02 -14.11
CA GLU A 219 22.36 4.68 -15.35
C GLU A 219 22.76 6.13 -15.08
N MET A 220 23.81 6.56 -15.77
CA MET A 220 24.23 7.96 -15.74
C MET A 220 24.58 8.38 -17.15
N TYR A 221 24.56 9.69 -17.37
CA TYR A 221 24.73 10.25 -18.71
C TYR A 221 26.04 11.03 -18.77
N TRP A 222 26.92 10.58 -19.66
CA TRP A 222 28.21 11.24 -19.87
C TRP A 222 27.98 12.43 -20.80
N VAL A 223 28.18 13.63 -20.28
CA VAL A 223 27.86 14.86 -20.98
C VAL A 223 29.14 15.58 -21.37
N SER A 224 28.99 16.64 -22.16
CA SER A 224 30.11 17.51 -22.52
C SER A 224 30.16 18.78 -21.69
N GLY A 225 29.11 19.08 -20.92
CA GLY A 225 29.04 20.28 -20.12
C GLY A 225 29.41 20.12 -18.67
N ALA A 226 29.70 18.90 -18.21
CA ALA A 226 30.12 18.65 -16.83
C ALA A 226 31.49 18.01 -16.83
N LYS A 227 32.36 18.47 -15.92
CA LYS A 227 33.74 18.02 -15.81
C LYS A 227 34.00 17.37 -14.46
N SER A 228 33.02 16.63 -13.97
CA SER A 228 33.11 16.04 -12.64
C SER A 228 34.20 14.97 -12.58
N ASN A 229 34.75 14.77 -11.39
CA ASN A 229 35.62 13.64 -11.16
C ASN A 229 34.81 12.35 -11.30
N THR A 230 35.40 11.36 -11.97
CA THR A 230 34.61 10.19 -12.35
C THR A 230 34.23 9.34 -11.15
N ILE A 231 35.23 8.78 -10.46
CA ILE A 231 34.94 7.83 -9.39
C ILE A 231 34.08 8.48 -8.30
N LYS A 232 34.35 9.74 -7.99
CA LYS A 232 33.58 10.41 -6.94
C LYS A 232 32.14 10.65 -7.38
N SER A 233 31.94 11.08 -8.64
CA SER A 233 30.58 11.34 -9.10
C SER A 233 29.76 10.06 -9.17
N VAL A 234 30.36 8.95 -9.64
CA VAL A 234 29.66 7.68 -9.67
C VAL A 234 29.33 7.21 -8.27
N SER A 235 30.33 7.22 -7.38
CA SER A 235 30.11 6.79 -6.00
C SER A 235 29.08 7.66 -5.30
N THR A 236 29.00 8.94 -5.65
CA THR A 236 27.99 9.82 -5.06
C THR A 236 26.58 9.31 -5.37
N THR A 237 26.34 8.91 -6.64
CA THR A 237 25.05 8.36 -7.01
C THR A 237 24.84 6.99 -6.40
N SER A 238 25.92 6.22 -6.20
CA SER A 238 25.81 4.93 -5.53
C SER A 238 25.29 5.11 -4.11
N GLN A 239 25.98 5.93 -3.31
CA GLN A 239 25.55 6.16 -1.93
C GLN A 239 24.19 6.83 -1.86
N LEU A 240 23.80 7.57 -2.90
CA LEU A 240 22.53 8.27 -2.89
C LEU A 240 21.35 7.29 -2.99
N LEU A 241 21.48 6.27 -3.83
CA LEU A 241 20.39 5.30 -3.99
C LEU A 241 20.27 4.35 -2.81
N LEU A 242 21.39 4.09 -2.12
CA LEU A 242 21.36 3.14 -1.01
C LEU A 242 20.52 3.63 0.14
N GLY A 243 20.62 4.92 0.47
CA GLY A 243 19.86 5.48 1.59
C GLY A 243 18.36 5.39 1.40
N ARG A 244 17.89 5.31 0.15
CA ARG A 244 16.47 5.24 -0.14
C ARG A 244 15.87 3.85 0.09
N MET A 245 16.71 2.84 0.32
CA MET A 245 16.22 1.47 0.48
C MET A 245 15.92 1.10 1.92
N ASP A 246 16.36 1.89 2.90
CA ASP A 246 16.28 1.51 4.30
C ASP A 246 15.10 2.17 5.02
N GLY A 247 15.01 3.48 4.99
CA GLY A 247 13.96 4.18 5.68
C GLY A 247 12.64 4.09 4.95
N PRO A 248 11.61 4.72 5.52
CA PRO A 248 10.31 4.76 4.86
C PRO A 248 10.40 5.47 3.50
N ARG A 249 9.54 5.05 2.59
CA ARG A 249 9.53 5.60 1.24
C ARG A 249 9.21 7.10 1.27
N ARG A 250 9.37 7.73 0.11
CA ARG A 250 9.09 9.14 -0.04
C ARG A 250 8.35 9.38 -1.34
N PRO A 251 7.51 10.40 -1.41
CA PRO A 251 6.71 10.64 -2.61
C PRO A 251 7.57 11.15 -3.76
N VAL A 252 7.13 10.83 -4.98
CA VAL A 252 7.80 11.27 -6.19
C VAL A 252 7.43 12.71 -6.48
N LYS A 253 8.40 13.50 -6.95
CA LYS A 253 8.20 14.91 -7.26
C LYS A 253 7.72 15.02 -8.70
N TYR A 254 6.43 15.29 -8.88
CA TYR A 254 5.84 15.33 -10.21
C TYR A 254 6.12 16.66 -10.90
N GLU A 255 6.18 16.61 -12.22
CA GLU A 255 6.44 17.78 -13.04
C GLU A 255 5.59 17.73 -14.30
N GLU A 256 5.47 18.87 -14.96
CA GLU A 256 4.82 18.93 -16.26
C GLU A 256 5.78 18.45 -17.35
N ASP A 257 5.30 17.56 -18.21
CA ASP A 257 6.11 17.07 -19.30
C ASP A 257 6.38 18.19 -20.30
N VAL A 258 7.45 18.02 -21.08
CA VAL A 258 7.79 19.02 -22.09
C VAL A 258 6.61 19.24 -23.04
N ASN A 259 6.47 20.47 -23.50
CA ASN A 259 5.50 20.83 -24.53
C ASN A 259 6.30 21.41 -25.68
N LEU A 260 6.67 20.55 -26.64
CA LEU A 260 7.48 20.98 -27.76
C LEU A 260 6.74 21.90 -28.73
N GLY A 261 5.44 22.09 -28.54
CA GLY A 261 4.67 22.94 -29.42
C GLY A 261 4.60 22.38 -30.84
N SER A 262 4.16 23.23 -31.75
CA SER A 262 4.07 22.89 -33.16
C SER A 262 4.62 24.05 -33.98
N GLY A 263 4.86 23.79 -35.25
CA GLY A 263 5.32 24.82 -36.15
C GLY A 263 6.18 24.24 -37.26
N THR A 264 7.02 25.12 -37.82
CA THR A 264 7.82 24.80 -38.99
C THR A 264 9.20 25.41 -38.78
N ARG A 265 9.98 25.50 -39.87
CA ARG A 265 11.31 26.08 -39.81
C ARG A 265 11.27 27.52 -39.33
N ALA A 266 12.32 27.93 -38.62
CA ALA A 266 12.45 29.31 -38.15
C ALA A 266 13.92 29.63 -37.85
N GLU B 7 -19.84 26.00 6.83
CA GLU B 7 -19.62 26.27 8.24
C GLU B 7 -19.04 25.06 8.95
N THR B 8 -19.01 23.92 8.26
CA THR B 8 -18.46 22.69 8.82
C THR B 8 -17.12 22.38 8.16
N LEU B 9 -16.37 21.47 8.80
CA LEU B 9 -15.02 21.17 8.37
C LEU B 9 -14.99 20.59 6.97
N GLY B 10 -15.88 19.65 6.68
CA GLY B 10 -15.94 19.09 5.33
C GLY B 10 -16.31 20.13 4.28
N GLU B 11 -17.04 21.17 4.69
CA GLU B 11 -17.33 22.26 3.77
C GLU B 11 -16.10 23.12 3.53
N LYS B 12 -15.21 23.22 4.53
CA LYS B 12 -13.97 23.96 4.35
C LYS B 12 -12.95 23.16 3.53
N TRP B 13 -12.93 21.83 3.73
CA TRP B 13 -12.04 20.98 2.93
C TRP B 13 -12.43 21.04 1.46
N LYS B 14 -13.73 21.03 1.17
CA LYS B 14 -14.18 21.04 -0.22
C LYS B 14 -13.84 22.35 -0.91
N ALA B 15 -14.13 23.48 -0.25
CA ALA B 15 -13.78 24.77 -0.81
C ALA B 15 -12.27 24.91 -0.97
N ARG B 16 -11.52 24.55 0.07
CA ARG B 16 -10.06 24.62 0.01
C ARG B 16 -9.49 23.68 -1.05
N LEU B 17 -10.14 22.55 -1.28
CA LEU B 17 -9.67 21.62 -2.31
C LEU B 17 -9.84 22.21 -3.70
N ASN B 18 -10.87 23.02 -3.91
CA ASN B 18 -11.10 23.65 -5.21
C ASN B 18 -10.17 24.82 -5.47
N GLN B 19 -9.40 25.26 -4.47
CA GLN B 19 -8.40 26.31 -4.67
C GLN B 19 -7.04 25.77 -5.09
N MET B 20 -6.86 24.45 -5.09
CA MET B 20 -5.55 23.88 -5.33
C MET B 20 -5.16 23.92 -6.80
N SER B 21 -3.88 24.15 -7.05
CA SER B 21 -3.34 24.11 -8.41
C SER B 21 -3.45 22.68 -8.97
N ALA B 22 -3.19 22.56 -10.26
CA ALA B 22 -3.25 21.25 -10.91
C ALA B 22 -2.26 20.29 -10.27
N LEU B 23 -1.03 20.76 -10.04
CA LEU B 23 -0.04 19.90 -9.39
C LEU B 23 -0.37 19.68 -7.93
N GLU B 24 -0.84 20.72 -7.23
CA GLU B 24 -1.25 20.56 -5.84
C GLU B 24 -2.32 19.49 -5.71
N PHE B 25 -3.34 19.56 -6.56
CA PHE B 25 -4.42 18.57 -6.52
C PHE B 25 -3.89 17.20 -6.93
N TYR B 26 -3.11 17.13 -8.00
CA TYR B 26 -2.57 15.86 -8.46
C TYR B 26 -1.72 15.20 -7.39
N SER B 27 -0.90 15.99 -6.69
CA SER B 27 -0.07 15.44 -5.63
C SER B 27 -0.90 15.07 -4.40
N TYR B 28 -2.06 15.69 -4.22
CA TYR B 28 -2.90 15.46 -3.06
C TYR B 28 -3.91 14.35 -3.27
N LYS B 29 -4.23 14.03 -4.52
CA LYS B 29 -5.28 13.05 -4.82
C LYS B 29 -5.08 11.75 -4.05
N LYS B 30 -3.85 11.24 -4.01
CA LYS B 30 -3.58 9.94 -3.39
C LYS B 30 -2.47 10.01 -2.35
N SER B 31 -2.15 11.20 -1.85
CA SER B 31 -1.08 11.37 -0.87
C SER B 31 -1.39 10.61 0.42
N GLY B 32 -0.62 9.55 0.68
CA GLY B 32 -0.75 8.79 1.91
C GLY B 32 -1.86 7.76 1.93
N ILE B 33 -2.58 7.57 0.81
CA ILE B 33 -3.67 6.60 0.77
C ILE B 33 -3.13 5.21 0.51
N THR B 34 -3.97 4.20 0.70
CA THR B 34 -3.65 2.83 0.35
C THR B 34 -4.25 2.51 -1.02
N GLU B 35 -3.52 1.74 -1.82
CA GLU B 35 -3.92 1.49 -3.20
C GLU B 35 -3.24 0.21 -3.67
N VAL B 36 -4.04 -0.76 -4.12
CA VAL B 36 -3.51 -2.02 -4.60
C VAL B 36 -3.13 -1.88 -6.06
N CYS B 37 -2.00 -2.49 -6.43
CA CYS B 37 -1.52 -2.42 -7.81
C CYS B 37 -2.51 -3.12 -8.74
N ARG B 38 -2.74 -2.51 -9.90
CA ARG B 38 -3.68 -3.04 -10.87
C ARG B 38 -3.11 -3.14 -12.28
N GLU B 39 -1.81 -2.92 -12.46
CA GLU B 39 -1.23 -3.03 -13.79
C GLU B 39 -1.32 -4.45 -14.33
N GLU B 40 -1.39 -5.44 -13.45
CA GLU B 40 -1.46 -6.83 -13.89
C GLU B 40 -2.88 -7.24 -14.25
N ALA B 41 -3.88 -6.73 -13.51
CA ALA B 41 -5.26 -7.12 -13.77
C ALA B 41 -5.77 -6.47 -15.05
N ARG B 42 -5.54 -5.16 -15.21
CA ARG B 42 -5.91 -4.49 -16.45
C ARG B 42 -5.28 -5.17 -17.66
N ARG B 43 -4.01 -5.57 -17.53
CA ARG B 43 -3.34 -6.27 -18.62
C ARG B 43 -4.07 -7.55 -18.99
N ALA B 44 -4.42 -8.36 -17.99
CA ALA B 44 -5.08 -9.64 -18.26
C ALA B 44 -6.48 -9.44 -18.83
N LEU B 45 -7.31 -8.68 -18.12
CA LEU B 45 -8.69 -8.46 -18.55
C LEU B 45 -8.77 -7.76 -19.90
N LYS B 46 -7.74 -7.01 -20.28
CA LYS B 46 -7.76 -6.31 -21.57
C LYS B 46 -7.80 -7.30 -22.72
N ASP B 47 -6.99 -8.35 -22.67
CA ASP B 47 -6.94 -9.38 -23.70
C ASP B 47 -7.91 -10.54 -23.44
N GLY B 48 -8.88 -10.34 -22.54
CA GLY B 48 -9.99 -11.26 -22.41
C GLY B 48 -9.80 -12.42 -21.45
N VAL B 49 -8.77 -12.39 -20.61
CA VAL B 49 -8.55 -13.50 -19.67
C VAL B 49 -9.61 -13.45 -18.59
N ALA B 50 -10.40 -14.52 -18.49
CA ALA B 50 -11.46 -14.63 -17.49
C ALA B 50 -11.21 -15.73 -16.47
N THR B 51 -10.03 -16.34 -16.51
CA THR B 51 -9.72 -17.48 -15.66
C THR B 51 -8.82 -17.15 -14.48
N GLY B 52 -8.04 -16.08 -14.55
CA GLY B 52 -7.10 -15.75 -13.50
C GLY B 52 -7.72 -15.29 -12.20
N GLY B 53 -9.02 -15.01 -12.19
CA GLY B 53 -9.66 -14.54 -10.98
C GLY B 53 -9.36 -13.09 -10.67
N HIS B 54 -9.38 -12.22 -11.67
CA HIS B 54 -9.09 -10.81 -11.48
C HIS B 54 -10.37 -10.03 -11.17
N ALA B 55 -10.21 -8.98 -10.38
CA ALA B 55 -11.32 -8.09 -10.07
C ALA B 55 -11.59 -7.18 -11.25
N VAL B 56 -12.88 -6.99 -11.57
CA VAL B 56 -13.24 -6.19 -12.72
C VAL B 56 -12.96 -4.70 -12.49
N SER B 57 -12.90 -4.27 -11.23
CA SER B 57 -12.66 -2.87 -10.91
C SER B 57 -11.93 -2.79 -9.57
N ARG B 58 -11.69 -1.56 -9.12
CA ARG B 58 -11.07 -1.33 -7.82
C ARG B 58 -12.05 -1.50 -6.67
N GLY B 59 -13.35 -1.56 -6.94
CA GLY B 59 -14.34 -1.69 -5.89
C GLY B 59 -14.28 -3.02 -5.16
N SER B 60 -13.77 -4.06 -5.81
CA SER B 60 -13.67 -5.36 -5.17
C SER B 60 -12.74 -5.31 -3.97
N ALA B 61 -11.56 -4.70 -4.14
CA ALA B 61 -10.65 -4.52 -3.01
C ALA B 61 -11.24 -3.58 -1.97
N LYS B 62 -12.09 -2.65 -2.39
CA LYS B 62 -12.75 -1.75 -1.44
C LYS B 62 -13.80 -2.50 -0.63
N LEU B 63 -14.68 -3.25 -1.30
CA LEU B 63 -15.69 -4.02 -0.58
C LEU B 63 -15.08 -5.16 0.22
N ARG B 64 -13.97 -5.73 -0.27
CA ARG B 64 -13.27 -6.75 0.51
C ARG B 64 -12.73 -6.19 1.80
N TRP B 65 -12.36 -4.90 1.82
CA TRP B 65 -11.84 -4.29 3.04
C TRP B 65 -12.87 -4.27 4.15
N LEU B 66 -14.16 -4.11 3.81
CA LEU B 66 -15.20 -3.99 4.82
C LEU B 66 -15.63 -5.34 5.38
N VAL B 67 -15.57 -6.40 4.57
CA VAL B 67 -16.09 -7.69 5.00
C VAL B 67 -15.01 -8.55 5.66
N GLU B 68 -13.74 -8.34 5.32
CA GLU B 68 -12.65 -8.97 6.05
C GLU B 68 -12.42 -8.32 7.42
N ARG B 69 -13.28 -7.38 7.80
CA ARG B 69 -13.25 -6.76 9.12
C ARG B 69 -14.64 -6.73 9.76
N GLY B 70 -15.59 -7.48 9.25
CA GLY B 70 -16.88 -7.64 9.89
C GLY B 70 -17.81 -6.45 9.81
N TYR B 71 -17.45 -5.40 9.06
CA TYR B 71 -18.32 -4.24 8.93
C TYR B 71 -19.66 -4.61 8.33
N LEU B 72 -19.73 -5.70 7.57
CA LEU B 72 -20.98 -6.32 7.17
C LEU B 72 -20.69 -7.76 6.80
N GLN B 73 -21.72 -8.60 6.85
CA GLN B 73 -21.60 -10.03 6.58
C GLN B 73 -22.60 -10.41 5.50
N PRO B 74 -22.25 -10.20 4.23
CA PRO B 74 -23.21 -10.47 3.15
C PRO B 74 -23.56 -11.94 3.08
N TYR B 75 -24.84 -12.21 2.81
CA TYR B 75 -25.34 -13.57 2.82
C TYR B 75 -26.57 -13.68 1.92
N GLY B 76 -26.85 -14.91 1.49
CA GLY B 76 -28.10 -15.21 0.82
C GLY B 76 -28.32 -14.38 -0.42
N LYS B 77 -29.43 -13.65 -0.41
CA LYS B 77 -29.86 -12.82 -1.54
C LYS B 77 -29.27 -11.42 -1.38
N VAL B 78 -28.29 -11.08 -2.23
CA VAL B 78 -27.64 -9.78 -2.21
C VAL B 78 -27.92 -9.07 -3.53
N ILE B 79 -28.17 -7.76 -3.45
CA ILE B 79 -28.45 -6.91 -4.60
C ILE B 79 -27.40 -5.82 -4.66
N ASP B 80 -26.92 -5.51 -5.87
CA ASP B 80 -25.91 -4.48 -6.09
C ASP B 80 -26.49 -3.39 -6.97
N LEU B 81 -26.75 -2.23 -6.38
CA LEU B 81 -27.28 -1.08 -7.12
C LEU B 81 -26.14 -0.23 -7.63
N GLY B 82 -26.16 0.08 -8.92
CA GLY B 82 -25.07 0.81 -9.53
C GLY B 82 -23.84 -0.06 -9.65
N CYS B 83 -24.02 -1.26 -10.24
CA CYS B 83 -22.94 -2.23 -10.28
C CYS B 83 -21.79 -1.77 -11.17
N GLY B 84 -22.07 -0.99 -12.19
CA GLY B 84 -21.04 -0.59 -13.14
C GLY B 84 -20.41 -1.78 -13.82
N ARG B 85 -19.12 -2.01 -13.56
CA ARG B 85 -18.43 -3.16 -14.13
C ARG B 85 -18.66 -4.44 -13.35
N GLY B 86 -19.07 -4.34 -12.08
CA GLY B 86 -19.44 -5.51 -11.32
C GLY B 86 -18.46 -5.91 -10.23
N GLY B 87 -17.69 -4.95 -9.73
CA GLY B 87 -16.71 -5.28 -8.70
C GLY B 87 -17.33 -5.72 -7.40
N TRP B 88 -18.41 -5.03 -6.98
CA TRP B 88 -19.11 -5.39 -5.76
C TRP B 88 -19.92 -6.67 -5.92
N SER B 89 -20.29 -7.02 -7.16
CA SER B 89 -21.10 -8.21 -7.39
C SER B 89 -20.25 -9.46 -7.48
N TYR B 90 -19.26 -9.45 -8.38
CA TYR B 90 -18.42 -10.63 -8.57
C TYR B 90 -17.65 -10.98 -7.30
N TYR B 91 -17.40 -10.00 -6.42
CA TYR B 91 -16.78 -10.32 -5.15
C TYR B 91 -17.78 -10.92 -4.16
N ALA B 92 -18.99 -10.37 -4.11
CA ALA B 92 -20.00 -10.90 -3.20
C ALA B 92 -20.31 -12.36 -3.50
N ALA B 93 -20.23 -12.77 -4.77
CA ALA B 93 -20.50 -14.15 -5.12
C ALA B 93 -19.48 -15.10 -4.52
N THR B 94 -18.27 -14.62 -4.23
CA THR B 94 -17.26 -15.47 -3.61
C THR B 94 -17.53 -15.73 -2.14
N ILE B 95 -18.45 -15.00 -1.53
CA ILE B 95 -18.73 -15.16 -0.10
C ILE B 95 -19.54 -16.42 0.12
N ARG B 96 -19.17 -17.19 1.15
CA ARG B 96 -19.71 -18.53 1.33
C ARG B 96 -21.22 -18.51 1.54
N LYS B 97 -21.73 -17.50 2.25
CA LYS B 97 -23.15 -17.44 2.60
C LYS B 97 -23.98 -16.72 1.54
N VAL B 98 -23.39 -16.37 0.40
CA VAL B 98 -24.11 -15.65 -0.65
C VAL B 98 -24.63 -16.67 -1.64
N GLN B 99 -25.96 -16.77 -1.74
CA GLN B 99 -26.58 -17.74 -2.64
C GLN B 99 -26.84 -17.18 -4.03
N GLU B 100 -27.01 -15.86 -4.15
CA GLU B 100 -27.40 -15.27 -5.42
C GLU B 100 -26.95 -13.81 -5.43
N VAL B 101 -26.52 -13.33 -6.60
CA VAL B 101 -26.10 -11.95 -6.78
C VAL B 101 -26.87 -11.37 -7.95
N LYS B 102 -27.63 -10.31 -7.70
CA LYS B 102 -28.38 -9.59 -8.73
C LYS B 102 -27.85 -8.17 -8.79
N GLY B 103 -27.38 -7.76 -9.97
CA GLY B 103 -26.79 -6.45 -10.16
C GLY B 103 -27.67 -5.57 -11.03
N TYR B 104 -27.58 -4.26 -10.80
CA TYR B 104 -28.36 -3.28 -11.55
C TYR B 104 -27.51 -2.03 -11.73
N THR B 105 -27.27 -1.65 -12.98
CA THR B 105 -26.48 -0.46 -13.24
C THR B 105 -27.10 0.32 -14.40
N LYS B 106 -26.69 1.58 -14.49
CA LYS B 106 -27.17 2.42 -15.57
C LYS B 106 -26.61 1.95 -16.91
N GLY B 107 -25.29 1.95 -17.04
CA GLY B 107 -24.64 1.71 -18.31
C GLY B 107 -24.94 2.86 -19.23
N GLY B 108 -24.08 3.14 -20.21
CA GLY B 108 -24.33 4.33 -20.98
C GLY B 108 -23.41 4.62 -22.13
N PRO B 109 -23.77 5.66 -22.88
CA PRO B 109 -22.78 6.31 -23.75
C PRO B 109 -21.51 6.68 -23.02
N GLY B 110 -21.61 7.00 -21.73
CA GLY B 110 -20.44 7.37 -20.94
C GLY B 110 -20.33 6.66 -19.61
N HIS B 111 -21.18 5.66 -19.37
CA HIS B 111 -21.14 4.87 -18.15
C HIS B 111 -20.64 3.46 -18.44
N GLU B 112 -20.10 2.82 -17.41
CA GLU B 112 -19.50 1.51 -17.56
C GLU B 112 -20.56 0.43 -17.65
N GLU B 113 -20.29 -0.60 -18.49
CA GLU B 113 -21.15 -1.76 -18.74
C GLU B 113 -20.72 -2.92 -17.86
N PRO B 114 -21.68 -3.70 -17.35
CA PRO B 114 -21.34 -4.89 -16.57
C PRO B 114 -20.42 -5.84 -17.32
N MET B 115 -19.27 -6.15 -16.74
CA MET B 115 -18.34 -7.09 -17.36
C MET B 115 -18.78 -8.52 -17.08
N LEU B 116 -18.33 -9.42 -17.95
CA LEU B 116 -18.66 -10.84 -17.83
C LEU B 116 -17.36 -11.63 -17.77
N VAL B 117 -16.95 -11.99 -16.56
CA VAL B 117 -15.77 -12.83 -16.34
C VAL B 117 -16.21 -14.06 -15.56
N GLN B 118 -15.25 -14.94 -15.26
CA GLN B 118 -15.59 -16.21 -14.62
C GLN B 118 -14.90 -16.39 -13.27
N SER B 119 -14.93 -15.36 -12.43
CA SER B 119 -14.42 -15.50 -11.08
C SER B 119 -15.37 -16.38 -10.25
N TYR B 120 -14.85 -16.91 -9.16
CA TYR B 120 -15.57 -17.89 -8.34
C TYR B 120 -16.94 -17.39 -7.91
N GLY B 121 -17.99 -18.04 -8.41
CA GLY B 121 -19.35 -17.66 -8.11
C GLY B 121 -20.09 -16.94 -9.22
N TRP B 122 -19.49 -16.83 -10.41
CA TRP B 122 -20.10 -16.08 -11.50
C TRP B 122 -21.45 -16.66 -11.92
N ASN B 123 -21.69 -17.95 -11.66
CA ASN B 123 -22.93 -18.58 -12.11
C ASN B 123 -24.15 -18.11 -11.33
N ILE B 124 -23.96 -17.48 -10.17
CA ILE B 124 -25.05 -16.92 -9.39
C ILE B 124 -25.08 -15.39 -9.48
N VAL B 125 -24.47 -14.83 -10.53
CA VAL B 125 -24.42 -13.39 -10.74
C VAL B 125 -25.16 -13.07 -12.03
N ARG B 126 -26.13 -12.15 -11.92
CA ARG B 126 -26.89 -11.67 -13.07
C ARG B 126 -26.90 -10.15 -13.02
N LEU B 127 -26.10 -9.52 -13.88
CA LEU B 127 -25.98 -8.07 -13.95
C LEU B 127 -26.72 -7.58 -15.19
N LYS B 128 -27.73 -6.73 -14.99
CA LYS B 128 -28.49 -6.14 -16.08
C LYS B 128 -28.15 -4.66 -16.18
N SER B 129 -27.83 -4.21 -17.39
CA SER B 129 -27.51 -2.82 -17.67
C SER B 129 -28.75 -2.10 -18.19
N GLY B 130 -28.57 -0.84 -18.54
CA GLY B 130 -29.66 -0.06 -19.10
C GLY B 130 -30.83 0.11 -18.16
N VAL B 131 -30.57 0.21 -16.86
CA VAL B 131 -31.64 0.39 -15.88
C VAL B 131 -31.18 1.43 -14.86
N ASP B 132 -31.97 2.48 -14.69
CA ASP B 132 -31.71 3.50 -13.68
C ASP B 132 -32.57 3.17 -12.47
N VAL B 133 -31.91 2.87 -11.35
CA VAL B 133 -32.60 2.34 -10.17
C VAL B 133 -33.66 3.30 -9.65
N PHE B 134 -33.50 4.59 -9.88
CA PHE B 134 -34.35 5.58 -9.23
C PHE B 134 -35.80 5.50 -9.67
N HIS B 135 -36.10 4.82 -10.77
CA HIS B 135 -37.49 4.47 -11.10
C HIS B 135 -37.65 2.95 -11.19
N MET B 136 -36.91 2.22 -10.36
CA MET B 136 -37.08 0.78 -10.20
C MET B 136 -37.70 0.51 -8.83
N ALA B 137 -38.66 -0.40 -8.80
CA ALA B 137 -39.33 -0.73 -7.55
C ALA B 137 -38.43 -1.57 -6.66
N ALA B 138 -38.56 -1.37 -5.35
CA ALA B 138 -37.73 -2.08 -4.40
C ALA B 138 -38.16 -3.53 -4.27
N GLU B 139 -37.19 -4.41 -4.04
CA GLU B 139 -37.42 -5.83 -3.85
C GLU B 139 -36.85 -6.29 -2.52
N PRO B 140 -37.53 -7.17 -1.80
CA PRO B 140 -36.94 -7.79 -0.62
C PRO B 140 -35.64 -8.50 -0.97
N CYS B 141 -34.65 -8.37 -0.09
CA CYS B 141 -33.39 -9.07 -0.25
C CYS B 141 -32.78 -9.28 1.14
N ASP B 142 -31.69 -10.03 1.17
CA ASP B 142 -30.97 -10.30 2.41
C ASP B 142 -29.81 -9.35 2.64
N THR B 143 -29.12 -8.92 1.59
CA THR B 143 -28.04 -7.95 1.69
C THR B 143 -28.23 -6.90 0.59
N LEU B 144 -28.10 -5.63 0.95
CA LEU B 144 -28.37 -4.52 0.05
C LEU B 144 -27.11 -3.70 -0.13
N LEU B 145 -26.61 -3.63 -1.37
CA LEU B 145 -25.38 -2.92 -1.69
C LEU B 145 -25.68 -1.82 -2.70
N CYS B 146 -25.33 -0.58 -2.35
CA CYS B 146 -25.53 0.57 -3.24
C CYS B 146 -24.22 1.34 -3.32
N ASP B 147 -23.71 1.54 -4.54
CA ASP B 147 -22.47 2.26 -4.76
C ASP B 147 -22.68 3.47 -5.68
N ILE B 148 -23.86 4.06 -5.63
CA ILE B 148 -24.23 5.15 -6.52
C ILE B 148 -23.82 6.47 -5.90
N GLY B 149 -23.47 7.43 -6.76
CA GLY B 149 -23.09 8.76 -6.34
C GLY B 149 -22.05 9.38 -7.25
N GLU B 150 -22.31 10.59 -7.72
CA GLU B 150 -21.46 11.26 -8.71
C GLU B 150 -20.85 12.50 -8.07
N SER B 151 -19.52 12.57 -8.07
CA SER B 151 -18.83 13.69 -7.49
C SER B 151 -19.19 14.99 -8.23
N SER B 152 -18.90 16.11 -7.57
CA SER B 152 -19.09 17.42 -8.17
C SER B 152 -18.32 18.43 -7.34
N SER B 153 -17.79 19.46 -8.03
CA SER B 153 -17.13 20.55 -7.33
C SER B 153 -18.09 21.31 -6.41
N SER B 154 -19.38 21.25 -6.69
CA SER B 154 -20.37 21.92 -5.86
C SER B 154 -20.73 21.04 -4.65
N PRO B 155 -20.42 21.46 -3.43
CA PRO B 155 -20.84 20.66 -2.27
C PRO B 155 -22.35 20.56 -2.14
N GLU B 156 -23.06 21.64 -2.44
CA GLU B 156 -24.53 21.61 -2.37
C GLU B 156 -25.12 20.66 -3.39
N VAL B 157 -24.41 20.37 -4.48
CA VAL B 157 -24.90 19.40 -5.46
C VAL B 157 -24.65 17.98 -4.96
N GLU B 158 -23.46 17.72 -4.42
CA GLU B 158 -23.17 16.42 -3.82
C GLU B 158 -24.18 16.09 -2.72
N GLU B 159 -24.59 17.10 -1.95
CA GLU B 159 -25.62 16.90 -0.95
C GLU B 159 -26.94 16.48 -1.59
N ALA B 160 -27.26 17.06 -2.74
CA ALA B 160 -28.52 16.74 -3.41
C ALA B 160 -28.51 15.32 -3.96
N ARG B 161 -27.37 14.86 -4.44
CA ARG B 161 -27.29 13.51 -5.02
C ARG B 161 -27.19 12.45 -3.94
N THR B 162 -26.47 12.74 -2.85
CA THR B 162 -26.41 11.79 -1.74
C THR B 162 -27.77 11.61 -1.10
N LEU B 163 -28.52 12.71 -0.95
CA LEU B 163 -29.90 12.59 -0.48
C LEU B 163 -30.78 11.86 -1.48
N ARG B 164 -30.51 12.03 -2.77
CA ARG B 164 -31.27 11.31 -3.79
C ARG B 164 -31.09 9.80 -3.64
N VAL B 165 -29.89 9.36 -3.25
CA VAL B 165 -29.64 7.93 -3.04
C VAL B 165 -30.32 7.46 -1.76
N LEU B 166 -30.14 8.20 -0.66
CA LEU B 166 -30.83 7.89 0.58
C LEU B 166 -32.34 7.94 0.42
N SER B 167 -32.84 8.69 -0.57
CA SER B 167 -34.26 8.63 -0.89
C SER B 167 -34.64 7.26 -1.41
N MET B 168 -33.82 6.69 -2.30
CA MET B 168 -34.18 5.47 -2.99
C MET B 168 -34.00 4.24 -2.11
N VAL B 169 -32.92 4.18 -1.34
CA VAL B 169 -32.60 3.02 -0.53
C VAL B 169 -33.52 2.93 0.68
N GLY B 170 -34.40 3.93 0.83
CA GLY B 170 -35.32 3.93 1.96
C GLY B 170 -36.23 2.71 1.97
N ASP B 171 -36.72 2.31 0.80
CA ASP B 171 -37.60 1.15 0.73
C ASP B 171 -36.82 -0.16 0.69
N TRP B 172 -35.69 -0.18 -0.02
CA TRP B 172 -34.86 -1.38 -0.03
C TRP B 172 -34.46 -1.79 1.39
N LEU B 173 -34.24 -0.80 2.25
CA LEU B 173 -34.04 -1.08 3.68
C LEU B 173 -35.34 -1.30 4.41
N GLU B 174 -36.46 -0.78 3.88
CA GLU B 174 -37.76 -1.06 4.50
C GLU B 174 -38.21 -2.49 4.25
N LYS B 175 -37.72 -3.13 3.18
CA LYS B 175 -37.92 -4.56 3.00
C LYS B 175 -37.00 -5.39 3.89
N ARG B 176 -36.25 -4.74 4.77
CA ARG B 176 -35.46 -5.34 5.85
C ARG B 176 -34.43 -6.35 5.34
N PRO B 177 -33.37 -5.89 4.68
CA PRO B 177 -32.24 -6.78 4.42
C PRO B 177 -31.40 -6.97 5.67
N GLY B 178 -30.76 -8.12 5.75
CA GLY B 178 -29.96 -8.43 6.94
C GLY B 178 -28.75 -7.55 7.08
N ALA B 179 -27.95 -7.45 6.01
CA ALA B 179 -26.77 -6.60 5.99
C ALA B 179 -26.89 -5.60 4.84
N PHE B 180 -26.12 -4.53 4.93
CA PHE B 180 -26.11 -3.55 3.85
C PHE B 180 -24.82 -2.74 3.91
N CYS B 181 -24.36 -2.32 2.72
CA CYS B 181 -23.21 -1.45 2.59
C CYS B 181 -23.55 -0.44 1.49
N ILE B 182 -23.97 0.75 1.89
CA ILE B 182 -24.46 1.77 0.97
C ILE B 182 -23.44 2.90 0.90
N LYS B 183 -23.27 3.46 -0.29
CA LYS B 183 -22.32 4.54 -0.52
C LYS B 183 -22.96 5.88 -0.17
N VAL B 184 -22.26 6.68 0.63
CA VAL B 184 -22.71 8.01 1.03
C VAL B 184 -21.67 9.00 0.53
N LEU B 185 -21.93 9.60 -0.64
CA LEU B 185 -20.94 10.46 -1.28
C LEU B 185 -20.65 11.70 -0.44
N CYS B 186 -21.71 12.40 -0.01
CA CYS B 186 -21.55 13.63 0.75
C CYS B 186 -22.05 13.44 2.18
N PRO B 187 -21.16 13.14 3.13
CA PRO B 187 -21.56 13.05 4.55
C PRO B 187 -21.27 14.29 5.41
N TYR B 188 -20.78 15.39 4.84
CA TYR B 188 -20.08 16.41 5.62
C TYR B 188 -20.83 17.73 5.73
N THR B 189 -22.13 17.77 5.48
CA THR B 189 -22.88 19.00 5.64
C THR B 189 -23.91 18.86 6.74
N SER B 190 -24.27 20.01 7.33
CA SER B 190 -25.17 20.03 8.49
C SER B 190 -26.47 19.28 8.22
N THR B 191 -26.96 19.32 6.98
CA THR B 191 -28.09 18.49 6.62
C THR B 191 -27.71 17.01 6.67
N MET B 192 -26.60 16.65 6.02
CA MET B 192 -26.22 15.24 5.89
C MET B 192 -25.95 14.62 7.25
N MET B 193 -25.28 15.35 8.15
CA MET B 193 -25.04 14.82 9.49
C MET B 193 -26.34 14.52 10.20
N GLU B 194 -27.32 15.41 10.08
CA GLU B 194 -28.62 15.18 10.73
C GLU B 194 -29.42 14.10 10.02
N THR B 195 -29.41 14.10 8.69
CA THR B 195 -30.15 13.07 7.95
C THR B 195 -29.65 11.67 8.31
N LEU B 196 -28.33 11.49 8.33
CA LEU B 196 -27.75 10.17 8.56
C LEU B 196 -27.97 9.71 9.99
N GLU B 197 -27.95 10.63 10.96
CA GLU B 197 -28.29 10.26 12.34
C GLU B 197 -29.70 9.71 12.43
N ARG B 198 -30.66 10.44 11.85
CA ARG B 198 -32.05 10.01 11.88
C ARG B 198 -32.23 8.62 11.26
N LEU B 199 -31.33 8.25 10.33
CA LEU B 199 -31.46 6.97 9.66
C LEU B 199 -30.91 5.82 10.49
N GLN B 200 -29.76 6.02 11.15
CA GLN B 200 -29.20 4.94 11.96
C GLN B 200 -30.03 4.68 13.21
N ARG B 201 -30.82 5.65 13.66
CA ARG B 201 -31.84 5.37 14.66
C ARG B 201 -32.85 4.35 14.12
N ARG B 202 -33.06 4.36 12.80
CA ARG B 202 -34.08 3.56 12.15
C ARG B 202 -33.57 2.26 11.56
N TYR B 203 -32.34 2.27 11.03
CA TYR B 203 -31.80 1.12 10.33
C TYR B 203 -30.50 0.60 10.94
N GLY B 204 -30.08 1.14 12.08
CA GLY B 204 -28.85 0.69 12.70
C GLY B 204 -27.63 0.98 11.84
N GLY B 205 -26.54 0.30 12.19
CA GLY B 205 -25.30 0.44 11.44
C GLY B 205 -24.59 1.74 11.73
N GLY B 206 -23.45 1.92 11.05
CA GLY B 206 -22.65 3.10 11.21
C GLY B 206 -21.88 3.40 9.93
N LEU B 207 -21.25 4.58 9.91
CA LEU B 207 -20.52 5.04 8.75
C LEU B 207 -19.02 4.87 8.97
N VAL B 208 -18.31 4.49 7.91
CA VAL B 208 -16.90 4.11 7.99
C VAL B 208 -16.15 4.71 6.80
N ARG B 209 -14.93 5.15 7.04
CA ARG B 209 -14.06 5.68 5.99
C ARG B 209 -13.03 4.62 5.62
N VAL B 210 -12.85 4.42 4.32
CA VAL B 210 -11.94 3.39 3.79
C VAL B 210 -10.65 4.08 3.35
N PRO B 211 -9.48 3.58 3.77
CA PRO B 211 -8.22 4.23 3.37
C PRO B 211 -7.90 4.08 1.89
N LEU B 212 -8.58 3.18 1.18
CA LEU B 212 -8.38 3.02 -0.25
C LEU B 212 -9.04 4.13 -1.06
N SER B 213 -9.84 4.99 -0.43
CA SER B 213 -10.48 6.10 -1.11
C SER B 213 -9.49 7.24 -1.29
N ARG B 214 -9.56 7.88 -2.46
CA ARG B 214 -8.68 9.01 -2.75
C ARG B 214 -9.06 10.22 -1.89
N ASN B 215 -8.09 11.10 -1.71
CA ASN B 215 -8.28 12.26 -0.84
C ASN B 215 -9.14 13.34 -1.48
N SER B 216 -9.48 13.21 -2.76
CA SER B 216 -10.33 14.18 -3.42
C SER B 216 -11.81 13.98 -3.10
N THR B 217 -12.19 12.81 -2.60
CA THR B 217 -13.58 12.51 -2.28
C THR B 217 -13.75 12.33 -0.78
N HIS B 218 -14.86 12.85 -0.25
CA HIS B 218 -15.25 12.66 1.14
C HIS B 218 -16.17 11.46 1.31
N GLU B 219 -16.09 10.47 0.41
CA GLU B 219 -16.99 9.34 0.44
C GLU B 219 -16.80 8.51 1.70
N MET B 220 -17.91 7.94 2.18
CA MET B 220 -17.90 6.97 3.26
C MET B 220 -18.90 5.88 2.89
N TYR B 221 -19.15 4.96 3.82
CA TYR B 221 -20.03 3.83 3.54
C TYR B 221 -20.83 3.47 4.78
N TRP B 222 -22.15 3.37 4.60
CA TRP B 222 -23.08 3.04 5.69
C TRP B 222 -23.16 1.52 5.78
N VAL B 223 -22.42 0.95 6.72
CA VAL B 223 -22.30 -0.49 6.85
C VAL B 223 -23.23 -0.98 7.95
N SER B 224 -23.40 -2.29 8.05
CA SER B 224 -24.32 -2.89 9.00
C SER B 224 -23.68 -3.31 10.30
N GLY B 225 -22.36 -3.53 10.32
CA GLY B 225 -21.71 -4.07 11.50
C GLY B 225 -21.08 -3.03 12.41
N ALA B 226 -21.04 -1.78 11.97
CA ALA B 226 -20.42 -0.71 12.74
C ALA B 226 -21.47 0.04 13.55
N LYS B 227 -21.01 0.66 14.64
CA LYS B 227 -21.85 1.46 15.52
C LYS B 227 -21.17 2.78 15.82
N SER B 228 -20.55 3.39 14.81
CA SER B 228 -19.83 4.63 15.01
C SER B 228 -20.80 5.80 15.16
N ASN B 229 -20.33 6.84 15.84
CA ASN B 229 -21.12 8.06 16.01
C ASN B 229 -21.04 8.90 14.75
N THR B 230 -22.20 9.40 14.30
CA THR B 230 -22.28 10.10 13.03
C THR B 230 -21.43 11.38 13.03
N ILE B 231 -21.66 12.26 14.00
CA ILE B 231 -20.99 13.55 13.98
C ILE B 231 -19.51 13.39 14.32
N LYS B 232 -19.17 12.39 15.11
CA LYS B 232 -17.76 12.13 15.41
C LYS B 232 -17.06 11.40 14.26
N SER B 233 -17.74 10.48 13.58
CA SER B 233 -17.06 9.77 12.49
C SER B 233 -16.66 10.74 11.39
N VAL B 234 -17.58 11.63 11.01
CA VAL B 234 -17.34 12.53 9.89
C VAL B 234 -16.34 13.62 10.27
N SER B 235 -16.50 14.20 11.46
CA SER B 235 -15.57 15.24 11.92
C SER B 235 -14.13 14.73 11.94
N THR B 236 -13.93 13.47 12.35
CA THR B 236 -12.60 12.89 12.28
C THR B 236 -12.14 12.72 10.84
N THR B 237 -13.09 12.38 9.95
CA THR B 237 -12.74 12.21 8.54
C THR B 237 -12.51 13.55 7.86
N SER B 238 -13.34 14.55 8.19
CA SER B 238 -13.12 15.89 7.65
C SER B 238 -11.75 16.43 8.07
N GLN B 239 -11.42 16.28 9.35
CA GLN B 239 -10.10 16.69 9.82
C GLN B 239 -8.99 15.82 9.24
N LEU B 240 -9.28 14.52 9.01
CA LEU B 240 -8.30 13.64 8.40
C LEU B 240 -7.82 14.18 7.06
N LEU B 241 -8.75 14.65 6.22
CA LEU B 241 -8.38 15.10 4.89
C LEU B 241 -7.77 16.50 4.89
N LEU B 242 -8.14 17.34 5.86
CA LEU B 242 -7.53 18.65 5.96
C LEU B 242 -6.06 18.55 6.39
N GLY B 243 -5.76 17.65 7.33
CA GLY B 243 -4.41 17.48 7.81
C GLY B 243 -3.43 16.95 6.79
N ARG B 244 -3.93 16.47 5.64
CA ARG B 244 -3.06 15.91 4.60
C ARG B 244 -2.64 16.94 3.57
N MET B 245 -3.26 18.13 3.54
CA MET B 245 -2.75 19.20 2.71
C MET B 245 -1.64 19.97 3.40
N ASP B 246 -1.65 19.98 4.75
CA ASP B 246 -0.71 20.81 5.50
C ASP B 246 0.70 20.21 5.47
N GLY B 247 0.85 19.01 6.01
CA GLY B 247 2.14 18.37 6.09
C GLY B 247 2.70 18.04 4.73
N PRO B 248 3.97 17.64 4.68
CA PRO B 248 4.56 17.21 3.41
C PRO B 248 3.81 16.03 2.84
N ARG B 249 3.97 15.83 1.53
CA ARG B 249 3.32 14.72 0.87
C ARG B 249 3.81 13.39 1.46
N ARG B 250 2.93 12.40 1.47
CA ARG B 250 3.25 11.10 2.01
C ARG B 250 3.09 10.02 0.93
N PRO B 251 3.89 8.96 0.98
CA PRO B 251 3.84 7.96 -0.09
C PRO B 251 2.57 7.13 -0.02
N VAL B 252 2.26 6.50 -1.15
CA VAL B 252 1.13 5.59 -1.22
C VAL B 252 1.57 4.22 -0.73
N LYS B 253 0.72 3.59 0.08
CA LYS B 253 0.96 2.22 0.56
C LYS B 253 0.38 1.26 -0.46
N TYR B 254 1.25 0.60 -1.22
CA TYR B 254 0.82 -0.35 -2.23
C TYR B 254 0.69 -1.74 -1.63
N GLU B 255 -0.31 -2.49 -2.11
CA GLU B 255 -0.60 -3.82 -1.60
C GLU B 255 -1.02 -4.72 -2.76
N GLU B 256 -1.10 -6.01 -2.46
CA GLU B 256 -1.50 -6.99 -3.46
C GLU B 256 -3.02 -6.94 -3.65
N ASP B 257 -3.46 -6.92 -4.90
CA ASP B 257 -4.88 -6.86 -5.20
C ASP B 257 -5.54 -8.22 -5.00
N VAL B 258 -6.85 -8.18 -4.79
CA VAL B 258 -7.59 -9.40 -4.46
C VAL B 258 -7.66 -10.32 -5.67
N ASN B 259 -7.59 -11.63 -5.42
CA ASN B 259 -7.84 -12.64 -6.43
C ASN B 259 -9.14 -13.35 -6.06
N LEU B 260 -10.13 -13.24 -6.94
CA LEU B 260 -11.46 -13.79 -6.70
C LEU B 260 -11.58 -15.26 -7.07
N GLY B 261 -10.48 -15.90 -7.44
CA GLY B 261 -10.54 -17.30 -7.79
C GLY B 261 -11.37 -17.53 -9.05
N SER B 262 -11.86 -18.76 -9.17
CA SER B 262 -12.62 -19.16 -10.35
C SER B 262 -13.59 -20.26 -9.94
N GLY B 263 -14.47 -20.63 -10.87
CA GLY B 263 -15.37 -21.74 -10.69
C GLY B 263 -16.80 -21.29 -10.44
N THR B 264 -17.66 -22.28 -10.24
CA THR B 264 -19.09 -22.07 -10.03
C THR B 264 -19.47 -22.51 -8.62
N ARG B 265 -20.75 -22.37 -8.31
CA ARG B 265 -21.31 -22.74 -7.01
C ARG B 265 -22.63 -23.47 -7.24
N ALA B 266 -23.39 -23.63 -6.17
CA ALA B 266 -24.69 -24.30 -6.24
C ALA B 266 -25.65 -23.57 -7.18
N THR C 5 -18.18 14.66 22.81
CA THR C 5 -19.45 14.41 22.15
C THR C 5 -19.31 13.32 21.08
N GLY C 6 -20.04 12.22 21.27
CA GLY C 6 -19.93 11.10 20.35
C GLY C 6 -18.69 10.26 20.52
N GLU C 7 -17.91 10.49 21.58
CA GLU C 7 -16.70 9.74 21.84
C GLU C 7 -16.91 8.76 22.98
N THR C 8 -16.01 7.78 23.06
CA THR C 8 -15.94 6.88 24.19
C THR C 8 -14.76 7.26 25.08
N LEU C 9 -14.71 6.65 26.26
CA LEU C 9 -13.64 6.97 27.20
C LEU C 9 -12.28 6.59 26.63
N GLY C 10 -12.21 5.47 25.91
CA GLY C 10 -10.96 5.09 25.28
C GLY C 10 -10.56 6.03 24.16
N GLU C 11 -11.53 6.45 23.36
CA GLU C 11 -11.27 7.43 22.31
C GLU C 11 -10.79 8.76 22.88
N LYS C 12 -11.16 9.08 24.12
CA LYS C 12 -10.61 10.25 24.78
C LYS C 12 -9.21 9.99 25.32
N TRP C 13 -8.94 8.76 25.77
CA TRP C 13 -7.60 8.41 26.22
C TRP C 13 -6.61 8.41 25.06
N LYS C 14 -7.02 7.84 23.92
CA LYS C 14 -6.13 7.78 22.77
C LYS C 14 -5.84 9.17 22.22
N ALA C 15 -6.85 10.04 22.16
CA ALA C 15 -6.62 11.42 21.73
C ALA C 15 -5.74 12.16 22.73
N ARG C 16 -6.03 12.01 24.02
CA ARG C 16 -5.24 12.67 25.05
C ARG C 16 -3.82 12.14 25.09
N LEU C 17 -3.65 10.84 24.83
CA LEU C 17 -2.32 10.24 24.84
C LEU C 17 -1.43 10.82 23.75
N ASN C 18 -2.02 11.18 22.60
CA ASN C 18 -1.26 11.75 21.49
C ASN C 18 -0.95 13.23 21.65
N GLN C 19 -1.64 13.93 22.56
CA GLN C 19 -1.27 15.29 22.88
C GLN C 19 -0.05 15.37 23.79
N MET C 20 0.29 14.28 24.47
CA MET C 20 1.37 14.27 25.43
C MET C 20 2.70 14.63 24.76
N SER C 21 3.57 15.29 25.51
CA SER C 21 4.92 15.54 25.05
C SER C 21 5.76 14.29 25.24
N ALA C 22 7.02 14.34 24.79
CA ALA C 22 7.90 13.18 24.91
C ALA C 22 8.11 12.78 26.36
N LEU C 23 8.34 13.76 27.24
CA LEU C 23 8.65 13.47 28.63
C LEU C 23 7.43 12.91 29.36
N GLU C 24 6.26 13.55 29.19
CA GLU C 24 5.07 13.03 29.86
C GLU C 24 4.74 11.63 29.36
N PHE C 25 4.90 11.39 28.05
CA PHE C 25 4.67 10.05 27.52
C PHE C 25 5.72 9.07 28.01
N TYR C 26 6.99 9.47 27.95
CA TYR C 26 8.08 8.60 28.40
C TYR C 26 7.85 8.13 29.82
N SER C 27 7.34 9.01 30.69
CA SER C 27 7.10 8.66 32.08
C SER C 27 5.76 7.98 32.30
N TYR C 28 4.79 8.20 31.41
CA TYR C 28 3.48 7.57 31.52
C TYR C 28 3.45 6.19 30.88
N LYS C 29 4.36 5.91 29.95
CA LYS C 29 4.40 4.62 29.27
C LYS C 29 4.37 3.45 30.27
N LYS C 30 5.22 3.51 31.29
CA LYS C 30 5.35 2.43 32.26
C LYS C 30 4.89 2.83 33.66
N SER C 31 4.13 3.93 33.78
CA SER C 31 3.76 4.47 35.08
C SER C 31 2.83 3.50 35.79
N GLY C 32 3.35 2.83 36.81
CA GLY C 32 2.54 1.94 37.63
C GLY C 32 2.31 0.56 37.07
N ILE C 33 3.00 0.19 35.99
CA ILE C 33 2.81 -1.13 35.38
C ILE C 33 3.56 -2.17 36.19
N THR C 34 3.26 -3.44 35.91
CA THR C 34 4.06 -4.56 36.39
C THR C 34 5.00 -4.98 35.28
N GLU C 35 6.26 -5.24 35.63
CA GLU C 35 7.28 -5.49 34.62
C GLU C 35 8.32 -6.45 35.20
N VAL C 36 8.50 -7.59 34.53
CA VAL C 36 9.49 -8.57 34.96
C VAL C 36 10.87 -8.13 34.51
N CYS C 37 11.88 -8.47 35.31
CA CYS C 37 13.27 -8.13 34.96
C CYS C 37 13.71 -8.96 33.76
N ARG C 38 14.29 -8.29 32.77
CA ARG C 38 14.70 -8.93 31.53
C ARG C 38 16.18 -8.74 31.22
N GLU C 39 16.92 -7.99 32.03
CA GLU C 39 18.32 -7.69 31.72
C GLU C 39 19.19 -8.93 31.71
N GLU C 40 18.90 -9.91 32.57
CA GLU C 40 19.69 -11.13 32.60
C GLU C 40 19.26 -12.13 31.53
N ALA C 41 17.99 -12.11 31.13
CA ALA C 41 17.53 -13.02 30.09
C ALA C 41 18.02 -12.58 28.71
N ARG C 42 18.10 -11.27 28.48
CA ARG C 42 18.54 -10.75 27.19
C ARG C 42 19.98 -11.15 26.90
N ARG C 43 20.88 -10.89 27.84
CA ARG C 43 22.30 -11.13 27.59
C ARG C 43 22.64 -12.62 27.63
N ALA C 44 21.87 -13.41 28.38
CA ALA C 44 22.12 -14.85 28.40
C ALA C 44 21.71 -15.50 27.08
N LEU C 45 20.62 -15.03 26.47
CA LEU C 45 20.15 -15.62 25.22
C LEU C 45 20.99 -15.16 24.03
N LYS C 46 21.40 -13.90 24.01
CA LYS C 46 22.23 -13.41 22.91
C LYS C 46 23.60 -14.08 22.90
N ASP C 47 24.13 -14.39 24.09
CA ASP C 47 25.40 -15.10 24.18
C ASP C 47 25.31 -16.55 23.72
N GLY C 48 24.12 -17.03 23.37
CA GLY C 48 23.95 -18.37 22.84
C GLY C 48 23.49 -19.41 23.82
N VAL C 49 23.28 -19.05 25.08
CA VAL C 49 22.85 -20.03 26.08
C VAL C 49 21.40 -20.40 25.83
N ALA C 50 21.14 -21.69 25.62
CA ALA C 50 19.79 -22.22 25.43
C ALA C 50 19.42 -23.23 26.49
N THR C 51 20.18 -23.31 27.59
CA THR C 51 19.92 -24.27 28.65
C THR C 51 19.29 -23.65 29.89
N GLY C 52 19.45 -22.35 30.10
CA GLY C 52 18.95 -21.68 31.28
C GLY C 52 17.43 -21.66 31.40
N GLY C 53 16.71 -22.07 30.36
CA GLY C 53 15.27 -22.07 30.41
C GLY C 53 14.64 -20.69 30.43
N HIS C 54 15.31 -19.70 29.84
CA HIS C 54 14.77 -18.35 29.78
C HIS C 54 13.70 -18.26 28.70
N ALA C 55 12.77 -17.32 28.90
CA ALA C 55 11.75 -17.05 27.89
C ALA C 55 12.33 -16.21 26.77
N VAL C 56 11.90 -16.50 25.54
CA VAL C 56 12.46 -15.80 24.39
C VAL C 56 11.97 -14.37 24.27
N SER C 57 10.82 -14.05 24.89
CA SER C 57 10.28 -12.70 24.84
C SER C 57 9.59 -12.40 26.17
N ARG C 58 9.00 -11.22 26.26
CA ARG C 58 8.26 -10.82 27.45
C ARG C 58 6.82 -11.31 27.43
N GLY C 59 6.38 -11.94 26.33
CA GLY C 59 5.02 -12.43 26.25
C GLY C 59 4.75 -13.63 27.14
N SER C 60 5.80 -14.39 27.48
CA SER C 60 5.61 -15.55 28.35
C SER C 60 5.18 -15.12 29.74
N ALA C 61 5.69 -14.00 30.23
CA ALA C 61 5.27 -13.47 31.52
C ALA C 61 3.81 -13.04 31.50
N LYS C 62 3.32 -12.58 30.35
CA LYS C 62 1.93 -12.14 30.25
C LYS C 62 0.98 -13.32 30.13
N LEU C 63 1.34 -14.34 29.35
CA LEU C 63 0.50 -15.53 29.23
C LEU C 63 0.53 -16.36 30.51
N ARG C 64 1.65 -16.36 31.23
CA ARG C 64 1.70 -17.06 32.51
C ARG C 64 0.73 -16.44 33.51
N TRP C 65 0.59 -15.10 33.47
CA TRP C 65 -0.29 -14.40 34.40
C TRP C 65 -1.74 -14.88 34.30
N LEU C 66 -2.16 -15.35 33.12
CA LEU C 66 -3.55 -15.66 32.89
C LEU C 66 -3.90 -17.11 33.21
N VAL C 67 -2.98 -18.04 33.03
CA VAL C 67 -3.27 -19.44 33.31
C VAL C 67 -2.98 -19.80 34.77
N GLU C 68 -2.04 -19.11 35.41
CA GLU C 68 -1.86 -19.27 36.86
C GLU C 68 -2.95 -18.54 37.66
N ARG C 69 -4.02 -18.16 36.94
CA ARG C 69 -5.21 -17.60 37.56
C ARG C 69 -6.49 -18.18 36.96
N GLY C 70 -6.41 -19.24 36.17
CA GLY C 70 -7.59 -19.89 35.65
C GLY C 70 -8.31 -19.15 34.54
N TYR C 71 -7.79 -18.01 34.10
CA TYR C 71 -8.40 -17.31 32.97
C TYR C 71 -8.36 -18.14 31.69
N LEU C 72 -7.46 -19.13 31.63
CA LEU C 72 -7.30 -19.98 30.46
C LEU C 72 -6.59 -21.25 30.91
N GLN C 73 -7.03 -22.39 30.38
CA GLN C 73 -6.49 -23.70 30.76
C GLN C 73 -6.09 -24.45 29.51
N PRO C 74 -4.92 -24.14 28.96
CA PRO C 74 -4.50 -24.77 27.69
C PRO C 74 -4.21 -26.25 27.87
N TYR C 75 -4.60 -27.03 26.86
CA TYR C 75 -4.44 -28.48 26.91
C TYR C 75 -4.37 -29.00 25.47
N GLY C 76 -4.06 -30.30 25.36
CA GLY C 76 -4.05 -30.94 24.06
C GLY C 76 -3.05 -30.30 23.13
N LYS C 77 -3.49 -30.00 21.91
CA LYS C 77 -2.67 -29.31 20.93
C LYS C 77 -3.00 -27.83 20.92
N VAL C 78 -1.96 -27.01 20.85
CA VAL C 78 -2.08 -25.56 20.90
C VAL C 78 -1.60 -24.97 19.59
N ILE C 79 -2.30 -23.95 19.09
CA ILE C 79 -1.93 -23.23 17.89
C ILE C 79 -1.68 -21.78 18.28
N ASP C 80 -0.44 -21.32 18.10
CA ASP C 80 -0.06 -19.95 18.41
C ASP C 80 0.04 -19.17 17.10
N LEU C 81 -0.89 -18.23 16.90
CA LEU C 81 -0.93 -17.44 15.69
C LEU C 81 -0.17 -16.13 15.92
N GLY C 82 0.91 -15.93 15.18
CA GLY C 82 1.76 -14.78 15.38
C GLY C 82 2.66 -14.97 16.58
N CYS C 83 3.39 -16.09 16.60
CA CYS C 83 4.24 -16.39 17.75
C CYS C 83 5.43 -15.45 17.86
N GLY C 84 5.73 -14.68 16.80
CA GLY C 84 6.90 -13.82 16.81
C GLY C 84 8.15 -14.61 17.10
N ARG C 85 8.74 -14.39 18.28
CA ARG C 85 9.87 -15.18 18.71
C ARG C 85 9.45 -16.50 19.35
N GLY C 86 8.22 -16.60 19.82
CA GLY C 86 7.68 -17.84 20.34
C GLY C 86 7.51 -17.93 21.85
N GLY C 87 7.46 -16.80 22.56
CA GLY C 87 7.34 -16.85 24.01
C GLY C 87 6.04 -17.49 24.47
N TRP C 88 4.96 -17.30 23.71
CA TRP C 88 3.69 -17.91 24.07
C TRP C 88 3.69 -19.40 23.78
N SER C 89 4.45 -19.83 22.77
CA SER C 89 4.48 -21.26 22.42
C SER C 89 5.34 -22.04 23.39
N TYR C 90 6.57 -21.58 23.64
CA TYR C 90 7.47 -22.32 24.51
C TYR C 90 6.94 -22.38 25.94
N TYR C 91 6.20 -21.37 26.37
CA TYR C 91 5.55 -21.47 27.67
C TYR C 91 4.39 -22.46 27.61
N ALA C 92 3.60 -22.42 26.53
CA ALA C 92 2.49 -23.35 26.40
C ALA C 92 2.97 -24.80 26.49
N ALA C 93 4.21 -25.06 26.06
CA ALA C 93 4.73 -26.42 26.11
C ALA C 93 5.10 -26.87 27.52
N THR C 94 5.19 -25.96 28.49
CA THR C 94 5.52 -26.36 29.85
C THR C 94 4.29 -26.84 30.63
N ILE C 95 3.08 -26.51 30.17
CA ILE C 95 1.88 -26.94 30.85
C ILE C 95 1.72 -28.45 30.67
N ARG C 96 1.28 -29.13 31.75
CA ARG C 96 1.28 -30.58 31.75
C ARG C 96 0.28 -31.17 30.76
N LYS C 97 -0.82 -30.47 30.50
CA LYS C 97 -1.91 -31.01 29.69
C LYS C 97 -1.76 -30.74 28.20
N VAL C 98 -0.64 -30.17 27.77
CA VAL C 98 -0.40 -29.94 26.35
C VAL C 98 0.40 -31.10 25.79
N GLN C 99 0.04 -31.53 24.59
CA GLN C 99 0.74 -32.61 23.91
C GLN C 99 1.46 -32.15 22.65
N GLU C 100 1.22 -30.91 22.22
CA GLU C 100 1.68 -30.41 20.95
C GLU C 100 1.46 -28.91 20.91
N VAL C 101 2.44 -28.17 20.38
CA VAL C 101 2.31 -26.73 20.16
C VAL C 101 2.87 -26.41 18.79
N LYS C 102 2.07 -25.74 17.96
CA LYS C 102 2.47 -25.35 16.62
C LYS C 102 2.22 -23.85 16.48
N GLY C 103 3.29 -23.09 16.24
CA GLY C 103 3.21 -21.64 16.13
C GLY C 103 3.46 -21.19 14.71
N TYR C 104 2.76 -20.12 14.31
CA TYR C 104 2.86 -19.57 12.97
C TYR C 104 3.03 -18.06 13.06
N THR C 105 4.13 -17.55 12.53
CA THR C 105 4.37 -16.12 12.45
C THR C 105 4.85 -15.78 11.05
N LYS C 106 4.75 -14.51 10.69
CA LYS C 106 5.26 -14.10 9.39
C LYS C 106 6.77 -14.15 9.40
N GLY C 107 7.39 -13.29 10.22
CA GLY C 107 8.84 -13.20 10.22
C GLY C 107 9.33 -12.58 8.93
N GLY C 108 10.44 -11.87 8.98
CA GLY C 108 10.89 -11.19 7.79
C GLY C 108 12.14 -10.38 8.05
N PRO C 109 12.69 -9.81 7.00
CA PRO C 109 13.38 -8.53 7.21
C PRO C 109 12.28 -7.52 7.46
N GLY C 110 12.15 -7.09 8.72
CA GLY C 110 10.98 -6.32 9.13
C GLY C 110 10.26 -6.82 10.36
N HIS C 111 10.25 -8.14 10.58
CA HIS C 111 9.54 -8.71 11.73
C HIS C 111 10.40 -9.71 12.49
N GLU C 112 9.83 -10.38 13.49
CA GLU C 112 10.55 -11.32 14.34
C GLU C 112 10.29 -12.75 13.89
N GLU C 113 11.40 -13.53 13.74
CA GLU C 113 11.36 -14.95 13.40
C GLU C 113 11.47 -15.79 14.67
N PRO C 114 10.82 -16.95 14.69
CA PRO C 114 10.77 -17.74 15.93
C PRO C 114 12.16 -18.14 16.40
N MET C 115 12.39 -18.00 17.71
CA MET C 115 13.64 -18.41 18.30
C MET C 115 13.63 -19.91 18.59
N LEU C 116 14.82 -20.50 18.60
CA LEU C 116 14.98 -21.93 18.84
C LEU C 116 15.76 -22.11 20.14
N VAL C 117 15.05 -22.44 21.21
CA VAL C 117 15.64 -22.74 22.50
C VAL C 117 15.18 -24.13 22.94
N GLN C 118 15.66 -24.56 24.10
CA GLN C 118 15.38 -25.91 24.60
C GLN C 118 14.79 -25.84 26.00
N SER C 119 13.78 -24.99 26.16
CA SER C 119 13.02 -24.95 27.42
C SER C 119 12.28 -26.27 27.61
N TYR C 120 11.83 -26.50 28.85
CA TYR C 120 11.13 -27.74 29.19
C TYR C 120 9.95 -27.96 28.25
N GLY C 121 10.01 -29.04 27.48
CA GLY C 121 8.99 -29.33 26.50
C GLY C 121 9.26 -28.77 25.12
N TRP C 122 10.52 -28.47 24.80
CA TRP C 122 10.83 -27.91 23.48
C TRP C 122 10.58 -28.91 22.36
N ASN C 123 10.68 -30.21 22.66
CA ASN C 123 10.56 -31.24 21.63
C ASN C 123 9.19 -31.27 20.98
N ILE C 124 8.15 -30.77 21.65
CA ILE C 124 6.83 -30.69 21.06
C ILE C 124 6.55 -29.31 20.46
N VAL C 125 7.56 -28.45 20.38
CA VAL C 125 7.42 -27.12 19.80
C VAL C 125 7.91 -27.15 18.36
N ARG C 126 7.09 -26.64 17.45
CA ARG C 126 7.46 -26.50 16.05
C ARG C 126 6.89 -25.18 15.56
N LEU C 127 7.77 -24.23 15.25
CA LEU C 127 7.38 -22.89 14.82
C LEU C 127 7.94 -22.61 13.44
N LYS C 128 7.09 -22.17 12.53
CA LYS C 128 7.49 -21.85 11.16
C LYS C 128 7.25 -20.38 10.88
N SER C 129 8.23 -19.76 10.23
CA SER C 129 8.14 -18.37 9.81
C SER C 129 7.71 -18.32 8.34
N GLY C 130 7.56 -17.11 7.82
CA GLY C 130 7.06 -16.94 6.46
C GLY C 130 5.60 -17.32 6.31
N VAL C 131 4.82 -17.17 7.36
CA VAL C 131 3.41 -17.58 7.37
C VAL C 131 2.57 -16.39 7.81
N ASP C 132 1.79 -15.85 6.88
CA ASP C 132 0.80 -14.83 7.22
C ASP C 132 -0.52 -15.57 7.44
N VAL C 133 -1.00 -15.54 8.69
CA VAL C 133 -2.16 -16.34 9.07
C VAL C 133 -3.42 -15.95 8.30
N PHE C 134 -3.46 -14.75 7.74
CA PHE C 134 -4.67 -14.33 7.00
C PHE C 134 -4.81 -15.06 5.68
N HIS C 135 -3.74 -15.70 5.18
CA HIS C 135 -3.83 -16.59 4.04
C HIS C 135 -4.02 -18.05 4.43
N MET C 136 -3.90 -18.36 5.72
CA MET C 136 -3.93 -19.74 6.19
C MET C 136 -5.38 -20.17 6.47
N ALA C 137 -5.67 -21.43 6.15
CA ALA C 137 -6.97 -21.99 6.44
C ALA C 137 -7.04 -22.47 7.88
N ALA C 138 -8.26 -22.48 8.42
CA ALA C 138 -8.45 -22.86 9.82
C ALA C 138 -8.29 -24.36 10.00
N GLU C 139 -7.66 -24.74 11.10
CA GLU C 139 -7.45 -26.13 11.48
C GLU C 139 -7.98 -26.36 12.88
N PRO C 140 -8.52 -27.54 13.16
CA PRO C 140 -8.98 -27.84 14.52
C PRO C 140 -7.82 -27.89 15.51
N CYS C 141 -8.13 -27.58 16.76
CA CYS C 141 -7.15 -27.58 17.83
C CYS C 141 -7.90 -27.55 19.15
N ASP C 142 -7.15 -27.78 20.24
CA ASP C 142 -7.72 -27.72 21.58
C ASP C 142 -7.57 -26.34 22.22
N THR C 143 -6.47 -25.64 21.94
CA THR C 143 -6.23 -24.31 22.46
C THR C 143 -5.85 -23.39 21.31
N LEU C 144 -6.47 -22.22 21.26
CA LEU C 144 -6.25 -21.24 20.20
C LEU C 144 -5.62 -19.99 20.79
N LEU C 145 -4.43 -19.63 20.29
CA LEU C 145 -3.69 -18.47 20.77
C LEU C 145 -3.38 -17.54 19.61
N CYS C 146 -3.77 -16.28 19.73
CA CYS C 146 -3.51 -15.28 18.70
C CYS C 146 -3.10 -13.98 19.39
N ASP C 147 -1.85 -13.57 19.21
CA ASP C 147 -1.32 -12.37 19.82
C ASP C 147 -1.00 -11.29 18.78
N ILE C 148 -1.75 -11.27 17.70
CA ILE C 148 -1.50 -10.37 16.58
C ILE C 148 -2.22 -9.05 16.81
N GLY C 149 -1.70 -7.99 16.19
CA GLY C 149 -2.26 -6.66 16.28
C GLY C 149 -1.21 -5.58 16.26
N GLU C 150 -1.37 -4.60 15.37
CA GLU C 150 -0.34 -3.60 15.08
C GLU C 150 -0.81 -2.25 15.63
N SER C 151 -0.03 -1.70 16.57
CA SER C 151 -0.39 -0.41 17.16
C SER C 151 -0.31 0.70 16.12
N SER C 152 -0.97 1.81 16.42
CA SER C 152 -1.01 2.97 15.55
C SER C 152 -1.60 4.14 16.31
N SER C 153 -1.10 5.35 16.01
CA SER C 153 -1.61 6.54 16.66
C SER C 153 -3.07 6.81 16.31
N SER C 154 -3.53 6.32 15.16
CA SER C 154 -4.90 6.55 14.73
C SER C 154 -5.81 5.48 15.34
N PRO C 155 -6.80 5.85 16.15
CA PRO C 155 -7.69 4.84 16.72
C PRO C 155 -8.50 4.10 15.67
N GLU C 156 -8.88 4.78 14.58
CA GLU C 156 -9.59 4.11 13.50
C GLU C 156 -8.73 3.09 12.79
N VAL C 157 -7.39 3.24 12.85
CA VAL C 157 -6.52 2.25 12.25
C VAL C 157 -6.42 1.02 13.15
N GLU C 158 -6.25 1.22 14.45
CA GLU C 158 -6.30 0.11 15.40
C GLU C 158 -7.64 -0.60 15.34
N GLU C 159 -8.73 0.15 15.11
CA GLU C 159 -10.05 -0.46 14.99
C GLU C 159 -10.10 -1.41 13.81
N ALA C 160 -9.63 -0.97 12.64
CA ALA C 160 -9.67 -1.81 11.45
C ALA C 160 -8.76 -3.03 11.59
N ARG C 161 -7.60 -2.86 12.22
CA ARG C 161 -6.68 -3.98 12.37
C ARG C 161 -7.20 -5.00 13.36
N THR C 162 -7.79 -4.54 14.47
CA THR C 162 -8.36 -5.47 15.44
C THR C 162 -9.52 -6.25 14.84
N LEU C 163 -10.39 -5.58 14.08
CA LEU C 163 -11.49 -6.28 13.43
C LEU C 163 -10.99 -7.28 12.41
N ARG C 164 -9.86 -7.00 11.76
CA ARG C 164 -9.28 -7.96 10.83
C ARG C 164 -8.86 -9.24 11.53
N VAL C 165 -8.54 -9.15 12.83
CA VAL C 165 -8.18 -10.33 13.60
C VAL C 165 -9.44 -11.07 14.04
N LEU C 166 -10.45 -10.34 14.53
CA LEU C 166 -11.64 -10.98 15.07
C LEU C 166 -12.43 -11.73 14.00
N SER C 167 -12.29 -11.32 12.74
CA SER C 167 -12.93 -12.05 11.66
C SER C 167 -12.15 -13.30 11.27
N MET C 168 -10.82 -13.23 11.39
CA MET C 168 -9.99 -14.38 11.01
C MET C 168 -10.15 -15.51 12.02
N VAL C 169 -10.12 -15.17 13.32
CA VAL C 169 -10.26 -16.18 14.35
C VAL C 169 -11.61 -16.86 14.30
N GLY C 170 -12.61 -16.22 13.70
CA GLY C 170 -13.94 -16.82 13.64
C GLY C 170 -13.97 -18.14 12.92
N ASP C 171 -13.05 -18.34 11.98
CA ASP C 171 -12.96 -19.64 11.31
C ASP C 171 -12.20 -20.65 12.15
N TRP C 172 -11.25 -20.20 12.97
CA TRP C 172 -10.57 -21.10 13.90
C TRP C 172 -11.45 -21.40 15.11
N LEU C 173 -12.23 -20.41 15.58
CA LEU C 173 -13.15 -20.65 16.67
C LEU C 173 -14.34 -21.50 16.24
N GLU C 174 -14.62 -21.59 14.94
CA GLU C 174 -15.67 -22.46 14.45
C GLU C 174 -15.28 -23.92 14.48
N LYS C 175 -13.97 -24.23 14.47
CA LYS C 175 -13.53 -25.58 14.75
C LYS C 175 -13.68 -25.93 16.23
N ARG C 176 -14.14 -24.99 17.05
CA ARG C 176 -14.51 -25.17 18.45
C ARG C 176 -13.34 -25.67 19.29
N PRO C 177 -12.33 -24.85 19.54
CA PRO C 177 -11.33 -25.20 20.55
C PRO C 177 -11.94 -25.18 21.94
N GLY C 178 -11.28 -25.89 22.86
CA GLY C 178 -11.76 -25.91 24.23
C GLY C 178 -11.38 -24.68 25.02
N ALA C 179 -10.28 -24.03 24.65
CA ALA C 179 -9.82 -22.81 25.30
C ALA C 179 -9.21 -21.91 24.26
N PHE C 180 -9.32 -20.60 24.48
CA PHE C 180 -8.73 -19.63 23.56
C PHE C 180 -8.34 -18.38 24.33
N CYS C 181 -7.25 -17.75 23.88
CA CYS C 181 -6.76 -16.49 24.45
C CYS C 181 -6.26 -15.64 23.30
N ILE C 182 -7.10 -14.71 22.83
CA ILE C 182 -6.80 -13.90 21.66
C ILE C 182 -6.60 -12.46 22.11
N LYS C 183 -5.69 -11.76 21.44
CA LYS C 183 -5.36 -10.38 21.79
C LYS C 183 -6.36 -9.41 21.16
N VAL C 184 -6.88 -8.50 21.97
CA VAL C 184 -7.81 -7.47 21.52
C VAL C 184 -7.08 -6.13 21.68
N LEU C 185 -6.52 -5.64 20.57
CA LEU C 185 -5.72 -4.43 20.62
C LEU C 185 -6.57 -3.20 20.88
N CYS C 186 -7.64 -3.02 20.10
CA CYS C 186 -8.53 -1.88 20.23
C CYS C 186 -9.90 -2.32 20.70
N PRO C 187 -10.20 -2.24 21.99
CA PRO C 187 -11.53 -2.61 22.50
C PRO C 187 -12.50 -1.45 22.78
N TYR C 188 -12.11 -0.20 22.54
CA TYR C 188 -12.79 0.93 23.17
C TYR C 188 -13.69 1.74 22.24
N THR C 189 -13.84 1.35 20.98
CA THR C 189 -14.74 2.10 20.11
C THR C 189 -16.12 1.43 20.10
N SER C 190 -17.15 2.25 19.88
CA SER C 190 -18.52 1.75 19.88
C SER C 190 -18.72 0.63 18.86
N THR C 191 -17.90 0.61 17.80
CA THR C 191 -17.91 -0.54 16.90
C THR C 191 -17.32 -1.77 17.59
N MET C 192 -16.20 -1.59 18.30
CA MET C 192 -15.56 -2.73 18.96
C MET C 192 -16.42 -3.29 20.08
N MET C 193 -17.04 -2.42 20.87
CA MET C 193 -17.92 -2.91 21.94
C MET C 193 -19.04 -3.77 21.38
N GLU C 194 -19.77 -3.24 20.39
CA GLU C 194 -20.89 -3.98 19.81
C GLU C 194 -20.42 -5.28 19.17
N THR C 195 -19.30 -5.25 18.47
CA THR C 195 -18.79 -6.46 17.82
C THR C 195 -18.25 -7.45 18.85
N LEU C 196 -17.50 -6.96 19.85
CA LEU C 196 -16.98 -7.85 20.88
C LEU C 196 -18.10 -8.45 21.72
N GLU C 197 -19.20 -7.71 21.91
CA GLU C 197 -20.37 -8.28 22.58
C GLU C 197 -20.91 -9.45 21.78
N ARG C 198 -21.25 -9.22 20.51
CA ARG C 198 -21.82 -10.25 19.65
C ARG C 198 -21.01 -11.53 19.67
N LEU C 199 -19.69 -11.42 19.80
CA LEU C 199 -18.84 -12.60 19.80
C LEU C 199 -18.81 -13.27 21.17
N GLN C 200 -19.04 -12.52 22.25
CA GLN C 200 -19.12 -13.15 23.56
C GLN C 200 -20.41 -13.97 23.68
N ARG C 201 -21.51 -13.47 23.12
CA ARG C 201 -22.73 -14.24 23.03
C ARG C 201 -22.54 -15.52 22.22
N ARG C 202 -21.51 -15.57 21.39
CA ARG C 202 -21.32 -16.64 20.42
C ARG C 202 -20.20 -17.60 20.79
N TYR C 203 -19.10 -17.11 21.36
CA TYR C 203 -17.97 -17.95 21.71
C TYR C 203 -17.65 -17.94 23.20
N GLY C 204 -18.50 -17.32 24.02
CA GLY C 204 -18.26 -17.31 25.45
C GLY C 204 -17.00 -16.54 25.85
N GLY C 205 -16.66 -16.69 27.13
CA GLY C 205 -15.48 -16.04 27.66
C GLY C 205 -15.72 -14.58 27.98
N GLY C 206 -14.62 -13.88 28.26
CA GLY C 206 -14.67 -12.48 28.60
C GLY C 206 -13.32 -11.82 28.41
N LEU C 207 -13.34 -10.49 28.35
CA LEU C 207 -12.13 -9.73 28.08
C LEU C 207 -11.47 -9.28 29.39
N VAL C 208 -10.13 -9.36 29.41
CA VAL C 208 -9.34 -9.07 30.60
C VAL C 208 -8.13 -8.23 30.19
N ARG C 209 -7.71 -7.34 31.08
CA ARG C 209 -6.50 -6.55 30.90
C ARG C 209 -5.43 -7.04 31.88
N VAL C 210 -4.21 -7.23 31.37
CA VAL C 210 -3.09 -7.70 32.18
C VAL C 210 -2.33 -6.48 32.68
N PRO C 211 -1.98 -6.42 33.97
CA PRO C 211 -1.21 -5.27 34.47
C PRO C 211 0.15 -5.11 33.81
N LEU C 212 0.67 -6.19 33.20
CA LEU C 212 1.97 -6.12 32.55
C LEU C 212 1.94 -5.29 31.26
N SER C 213 0.75 -5.06 30.71
CA SER C 213 0.61 -4.24 29.51
C SER C 213 0.88 -2.77 29.83
N ARG C 214 1.51 -2.08 28.88
CA ARG C 214 1.89 -0.70 29.10
C ARG C 214 0.69 0.23 29.07
N ASN C 215 0.88 1.45 29.59
CA ASN C 215 -0.19 2.43 29.62
C ASN C 215 -0.39 3.14 28.28
N SER C 216 0.47 2.88 27.30
CA SER C 216 0.32 3.44 25.97
C SER C 216 -0.55 2.59 25.06
N THR C 217 -0.86 1.37 25.46
CA THR C 217 -1.70 0.46 24.68
C THR C 217 -2.96 0.12 25.46
N HIS C 218 -4.07 -0.01 24.73
CA HIS C 218 -5.35 -0.36 25.33
C HIS C 218 -5.69 -1.84 25.13
N GLU C 219 -4.67 -2.68 24.93
CA GLU C 219 -4.90 -4.08 24.62
C GLU C 219 -5.61 -4.79 25.77
N MET C 220 -6.57 -5.64 25.43
CA MET C 220 -7.16 -6.61 26.33
C MET C 220 -6.90 -8.00 25.76
N TYR C 221 -7.49 -9.01 26.39
CA TYR C 221 -7.35 -10.38 25.92
C TYR C 221 -8.65 -11.13 26.15
N TRP C 222 -9.16 -11.73 25.07
CA TRP C 222 -10.42 -12.47 25.08
C TRP C 222 -10.12 -13.89 25.52
N VAL C 223 -10.35 -14.18 26.81
CA VAL C 223 -10.01 -15.46 27.40
C VAL C 223 -11.27 -16.24 27.71
N SER C 224 -11.11 -17.54 27.87
CA SER C 224 -12.23 -18.46 28.03
C SER C 224 -12.72 -18.59 29.47
N GLY C 225 -11.89 -18.23 30.44
CA GLY C 225 -12.25 -18.42 31.84
C GLY C 225 -13.13 -17.33 32.40
N ALA C 226 -12.91 -16.09 31.96
CA ALA C 226 -13.62 -14.95 32.51
C ALA C 226 -15.02 -14.83 31.93
N LYS C 227 -15.92 -14.21 32.69
CA LYS C 227 -17.29 -13.96 32.28
C LYS C 227 -17.63 -12.48 32.47
N SER C 228 -16.64 -11.62 32.36
CA SER C 228 -16.85 -10.20 32.62
C SER C 228 -17.75 -9.58 31.56
N ASN C 229 -18.39 -8.47 31.94
CA ASN C 229 -19.18 -7.70 30.99
C ASN C 229 -18.25 -6.93 30.07
N THR C 230 -18.52 -7.01 28.76
CA THR C 230 -17.65 -6.37 27.78
C THR C 230 -17.59 -4.87 28.00
N ILE C 231 -18.73 -4.20 27.89
CA ILE C 231 -18.76 -2.74 27.93
C ILE C 231 -18.22 -2.22 29.26
N LYS C 232 -18.55 -2.90 30.36
CA LYS C 232 -18.14 -2.41 31.67
C LYS C 232 -16.66 -2.63 31.92
N SER C 233 -16.11 -3.76 31.45
CA SER C 233 -14.70 -4.05 31.71
C SER C 233 -13.79 -3.06 31.00
N VAL C 234 -14.05 -2.80 29.71
CA VAL C 234 -13.21 -1.86 28.97
C VAL C 234 -13.46 -0.43 29.45
N SER C 235 -14.71 -0.09 29.75
CA SER C 235 -15.01 1.23 30.29
C SER C 235 -14.26 1.44 31.61
N THR C 236 -14.17 0.39 32.43
CA THR C 236 -13.34 0.47 33.62
C THR C 236 -11.87 0.55 33.26
N THR C 237 -11.47 -0.07 32.16
CA THR C 237 -10.08 -0.05 31.73
C THR C 237 -9.68 1.34 31.24
N SER C 238 -10.52 1.95 30.41
CA SER C 238 -10.22 3.29 29.89
C SER C 238 -10.09 4.30 31.02
N GLN C 239 -10.94 4.18 32.05
CA GLN C 239 -10.84 5.10 33.18
C GLN C 239 -9.58 4.87 33.98
N LEU C 240 -9.12 3.62 34.09
CA LEU C 240 -7.87 3.33 34.78
C LEU C 240 -6.69 3.95 34.05
N LEU C 241 -6.69 3.88 32.73
CA LEU C 241 -5.60 4.49 31.96
C LEU C 241 -5.71 6.00 31.94
N LEU C 242 -6.93 6.54 32.05
CA LEU C 242 -7.09 7.99 32.14
C LEU C 242 -6.59 8.51 33.48
N GLY C 243 -6.93 7.82 34.57
CA GLY C 243 -6.58 8.27 35.90
C GLY C 243 -5.10 8.18 36.23
N ARG C 244 -4.29 7.59 35.35
CA ARG C 244 -2.87 7.44 35.64
C ARG C 244 -2.04 8.64 35.18
N MET C 245 -2.43 9.29 34.09
CA MET C 245 -1.75 10.52 33.70
C MET C 245 -2.19 11.72 34.56
N ASP C 246 -3.17 11.53 35.45
CA ASP C 246 -3.63 12.61 36.30
C ASP C 246 -2.71 12.80 37.50
N GLY C 247 -2.59 11.76 38.34
CA GLY C 247 -1.77 11.84 39.52
C GLY C 247 -0.29 11.84 39.19
N PRO C 248 0.53 11.93 40.22
CA PRO C 248 1.98 11.86 40.02
C PRO C 248 2.39 10.49 39.49
N ARG C 249 3.62 10.43 38.98
CA ARG C 249 4.12 9.21 38.35
C ARG C 249 4.48 8.21 39.43
N ARG C 250 3.74 7.09 39.48
CA ARG C 250 3.90 6.00 40.42
C ARG C 250 4.93 4.99 39.91
N PRO C 251 5.66 4.32 40.80
CA PRO C 251 6.77 3.48 40.37
C PRO C 251 6.31 2.14 39.82
N VAL C 252 7.24 1.47 39.14
CA VAL C 252 6.95 0.19 38.52
C VAL C 252 7.10 -0.93 39.55
N LYS C 253 6.18 -1.88 39.52
CA LYS C 253 6.25 -3.06 40.37
C LYS C 253 7.03 -4.13 39.63
N TYR C 254 8.28 -4.34 40.05
CA TYR C 254 9.14 -5.34 39.42
C TYR C 254 8.93 -6.70 40.06
N GLU C 255 8.93 -7.74 39.21
CA GLU C 255 8.80 -9.11 39.66
C GLU C 255 9.78 -9.97 38.87
N GLU C 256 10.09 -11.14 39.40
CA GLU C 256 11.06 -12.02 38.76
C GLU C 256 10.41 -12.78 37.61
N ASP C 257 11.10 -12.80 36.46
CA ASP C 257 10.55 -13.41 35.27
C ASP C 257 10.48 -14.93 35.41
N VAL C 258 9.71 -15.55 34.52
CA VAL C 258 9.48 -16.98 34.59
C VAL C 258 10.71 -17.74 34.11
N ASN C 259 10.98 -18.89 34.74
CA ASN C 259 12.05 -19.80 34.34
C ASN C 259 11.40 -21.08 33.87
N LEU C 260 11.35 -21.27 32.55
CA LEU C 260 10.66 -22.44 31.99
C LEU C 260 11.39 -23.74 32.31
N GLY C 261 12.68 -23.69 32.60
CA GLY C 261 13.42 -24.89 32.89
C GLY C 261 13.92 -25.58 31.63
N SER C 262 14.23 -26.86 31.78
CA SER C 262 14.75 -27.66 30.68
C SER C 262 14.09 -29.03 30.71
N GLY C 263 14.40 -29.84 29.73
CA GLY C 263 13.95 -31.22 29.69
C GLY C 263 13.13 -31.52 28.45
N THR C 264 12.56 -32.73 28.46
CA THR C 264 11.81 -33.27 27.34
C THR C 264 10.61 -34.04 27.89
N ARG C 265 9.49 -33.96 27.19
CA ARG C 265 8.31 -34.71 27.58
C ARG C 265 7.80 -35.57 26.43
#